data_2J3J
#
_entry.id   2J3J
#
_cell.length_a   49.040
_cell.length_b   122.540
_cell.length_c   147.650
_cell.angle_alpha   90.00
_cell.angle_beta   90.00
_cell.angle_gamma   90.00
#
_symmetry.space_group_name_H-M   'P 21 21 21'
#
loop_
_entity.id
_entity.type
_entity.pdbx_description
1 polymer 'NADPH-dependent oxidoreductase 2-alkenal reductase'
2 non-polymer 'NADP NICOTINAMIDE-ADENINE-DINUCLEOTIDE PHOSPHATE'
3 non-polymer "4'-HYDROXYCINNAMIC ACID"
4 water water
#
_entity_poly.entity_id   1
_entity_poly.type   'polypeptide(L)'
_entity_poly.pdbx_seq_one_letter_code
;MTATNKQVILKDYVSGFPTESDFDFTTTTVELRVPEGTNSVLVKNLYLSCDPYMRIRMGKPDPSTAALAQAYTPGQPIQG
YGVSRIIESGHPDYKKGDLLWGIVAWEEYSVITPMTHAHFKIQHTDVPLSYYTGLLGMPGMTAYAGFYEVCSPKEGETVY
VSAASGAVGQLVGQLAKMMGCYVVGSAGSKEKVDLLKTKFGFDDAFNYKEESDLTAALKRCFPNGIDIYFENVGGKMLDA
VLVNMNMHGRIAVCGMISQYNLENQEGVHNLSNIIYKRNRIQGFVVSDFYDKYSKFLEFVLPHIREGKITYVEDVADGLE
KAPEALVGLFHGKNVGKQVVVVARE
;
_entity_poly.pdbx_strand_id   A,B
#
# COMPACT_ATOMS: atom_id res chain seq x y z
N MET A 1 6.69 52.62 -14.49
CA MET A 1 5.29 52.33 -14.81
C MET A 1 4.54 51.94 -13.53
N THR A 2 3.24 52.30 -13.41
CA THR A 2 2.43 52.13 -12.21
C THR A 2 1.02 51.74 -12.61
N ALA A 3 0.98 50.44 -12.92
CA ALA A 3 -0.21 49.73 -13.36
C ALA A 3 -1.10 49.09 -12.29
N THR A 4 -2.40 48.87 -12.63
CA THR A 4 -3.38 48.14 -11.78
C THR A 4 -3.19 46.59 -11.79
N ASN A 5 -3.48 45.92 -10.66
CA ASN A 5 -3.30 44.50 -10.49
C ASN A 5 -4.61 43.87 -10.05
N LYS A 6 -5.39 43.23 -10.98
CA LYS A 6 -6.63 42.49 -10.64
C LYS A 6 -6.20 41.17 -10.02
N GLN A 7 -6.83 40.85 -8.87
CA GLN A 7 -6.55 39.68 -8.02
C GLN A 7 -7.78 38.83 -7.75
N VAL A 8 -7.61 37.51 -7.48
CA VAL A 8 -8.68 36.54 -7.13
C VAL A 8 -8.42 36.16 -5.68
N ILE A 9 -9.27 36.64 -4.77
CA ILE A 9 -9.30 36.38 -3.33
C ILE A 9 -10.05 35.07 -3.03
N LEU A 10 -9.93 34.60 -1.78
CA LEU A 10 -10.78 33.56 -1.21
C LEU A 10 -11.44 34.33 -0.04
N LYS A 11 -12.79 34.36 0.01
CA LYS A 11 -13.62 35.04 0.99
C LYS A 11 -13.48 34.42 2.41
N ASP A 12 -13.87 33.14 2.43
CA ASP A 12 -13.93 32.22 3.56
C ASP A 12 -13.66 30.85 2.96
N TYR A 13 -13.25 29.90 3.83
CA TYR A 13 -12.97 28.48 3.55
C TYR A 13 -14.11 27.63 2.96
N VAL A 14 -13.74 26.57 2.19
CA VAL A 14 -14.70 25.63 1.59
C VAL A 14 -14.75 24.28 2.35
N SER A 15 -16.03 23.86 2.52
CA SER A 15 -16.52 22.70 3.25
C SER A 15 -17.00 21.48 2.46
N GLY A 16 -17.36 21.74 1.19
CA GLY A 16 -17.82 20.73 0.25
C GLY A 16 -17.08 20.87 -1.06
N PHE A 17 -17.84 20.80 -2.17
CA PHE A 17 -17.39 21.06 -3.53
C PHE A 17 -17.25 22.59 -3.75
N PRO A 18 -16.18 23.26 -4.30
CA PRO A 18 -16.13 24.72 -4.52
C PRO A 18 -16.98 25.27 -5.65
N THR A 19 -17.75 26.26 -5.23
CA THR A 19 -18.59 27.10 -6.07
C THR A 19 -17.81 28.39 -6.28
N GLU A 20 -18.13 29.05 -7.41
CA GLU A 20 -17.55 30.30 -7.92
C GLU A 20 -17.66 31.52 -7.01
N SER A 21 -18.63 31.38 -6.08
CA SER A 21 -19.05 32.30 -5.06
C SER A 21 -18.38 32.21 -3.68
N ASP A 22 -17.21 31.55 -3.64
CA ASP A 22 -16.30 31.50 -2.48
C ASP A 22 -15.02 32.28 -2.75
N PHE A 23 -15.02 32.82 -4.00
CA PHE A 23 -14.00 33.62 -4.66
C PHE A 23 -14.65 34.90 -5.22
N ASP A 24 -13.89 36.01 -5.09
CA ASP A 24 -14.22 37.36 -5.60
C ASP A 24 -12.99 38.13 -5.98
N PHE A 25 -13.18 39.10 -6.87
CA PHE A 25 -12.14 39.91 -7.47
C PHE A 25 -12.02 41.21 -6.72
N THR A 26 -10.74 41.54 -6.51
CA THR A 26 -10.29 42.80 -5.91
C THR A 26 -9.10 43.31 -6.72
N THR A 27 -8.71 44.60 -6.56
CA THR A 27 -7.60 45.25 -7.28
C THR A 27 -6.66 46.07 -6.39
N THR A 28 -5.35 45.88 -6.60
CA THR A 28 -4.28 46.73 -6.06
C THR A 28 -3.63 47.49 -7.21
N THR A 29 -2.70 48.42 -6.88
CA THR A 29 -1.86 49.15 -7.83
C THR A 29 -0.42 48.88 -7.41
N VAL A 30 0.23 48.29 -8.42
CA VAL A 30 1.65 48.00 -8.38
C VAL A 30 2.50 48.87 -9.34
N GLU A 31 3.48 49.36 -8.60
CA GLU A 31 4.63 50.14 -9.01
C GLU A 31 5.64 49.09 -9.52
N LEU A 32 5.93 49.17 -10.84
CA LEU A 32 6.82 48.25 -11.55
C LEU A 32 8.32 48.65 -11.50
N ARG A 33 8.60 48.52 -10.19
CA ARG A 33 9.80 48.76 -9.39
C ARG A 33 10.71 47.55 -9.18
N VAL A 34 11.97 47.90 -8.81
CA VAL A 34 13.10 47.03 -8.52
C VAL A 34 13.07 46.72 -6.99
N PRO A 35 12.48 45.55 -6.63
CA PRO A 35 11.33 45.49 -5.73
C PRO A 35 11.46 45.52 -4.18
N GLU A 36 10.50 44.85 -3.47
CA GLU A 36 10.28 44.73 -2.01
C GLU A 36 11.48 44.51 -1.05
N GLY A 37 12.06 43.31 -1.03
CA GLY A 37 13.17 42.91 -0.16
C GLY A 37 13.25 41.40 -0.07
N THR A 38 14.47 41.02 0.38
CA THR A 38 15.19 39.72 0.55
C THR A 38 15.74 39.33 -0.85
N ASN A 39 15.55 38.13 -1.44
CA ASN A 39 16.10 37.65 -2.71
C ASN A 39 15.00 37.66 -3.80
N SER A 40 14.33 38.84 -3.89
CA SER A 40 13.16 39.15 -4.73
C SER A 40 13.24 39.37 -6.24
N VAL A 41 12.15 39.03 -6.96
CA VAL A 41 11.88 39.47 -8.36
C VAL A 41 10.47 40.09 -8.47
N LEU A 42 10.18 41.08 -9.36
CA LEU A 42 8.81 41.48 -9.71
C LEU A 42 8.67 40.76 -11.04
N VAL A 43 7.47 40.16 -11.12
CA VAL A 43 7.03 39.27 -12.20
C VAL A 43 5.67 39.67 -12.80
N LYS A 44 5.37 39.20 -14.01
CA LYS A 44 4.07 39.33 -14.67
C LYS A 44 3.68 37.90 -15.05
N ASN A 45 2.56 37.51 -14.42
CA ASN A 45 1.89 36.23 -14.57
C ASN A 45 1.18 36.26 -15.90
N LEU A 46 1.71 35.35 -16.71
CA LEU A 46 1.28 35.12 -18.09
C LEU A 46 0.23 34.02 -18.22
N TYR A 47 0.57 32.90 -17.54
CA TYR A 47 -0.25 31.70 -17.45
C TYR A 47 -0.25 31.23 -16.02
N LEU A 48 -1.41 30.68 -15.60
CA LEU A 48 -1.79 30.08 -14.30
C LEU A 48 -2.28 28.65 -14.46
N SER A 49 -2.12 27.85 -13.39
CA SER A 49 -2.51 26.45 -13.32
C SER A 49 -3.59 26.19 -12.30
N CYS A 50 -4.59 25.41 -12.72
CA CYS A 50 -5.70 24.97 -11.86
C CYS A 50 -5.48 23.50 -11.72
N ASP A 51 -4.87 23.38 -10.54
CA ASP A 51 -4.39 22.15 -9.94
C ASP A 51 -5.33 21.64 -8.83
N PRO A 52 -5.66 20.33 -8.67
CA PRO A 52 -6.57 19.83 -7.66
C PRO A 52 -6.14 19.70 -6.23
N TYR A 53 -4.87 19.97 -5.86
CA TYR A 53 -4.37 20.05 -4.48
C TYR A 53 -4.97 21.20 -3.68
N MET A 54 -5.47 22.19 -4.44
CA MET A 54 -5.97 23.48 -3.99
C MET A 54 -7.19 23.48 -3.12
N ARG A 55 -7.97 22.38 -3.18
CA ARG A 55 -9.14 22.10 -2.33
C ARG A 55 -8.77 21.78 -0.88
N ILE A 56 -7.61 21.13 -0.65
CA ILE A 56 -7.04 20.78 0.67
C ILE A 56 -6.54 22.05 1.39
N ARG A 57 -6.05 23.01 0.57
CA ARG A 57 -5.57 24.33 1.01
C ARG A 57 -6.67 25.35 1.30
N MET A 58 -7.88 25.03 0.79
CA MET A 58 -9.14 25.72 1.08
C MET A 58 -9.80 25.16 2.38
N GLY A 59 -9.05 24.37 3.18
CA GLY A 59 -9.42 23.78 4.47
C GLY A 59 -8.93 24.59 5.69
N LYS A 60 -9.61 24.33 6.83
CA LYS A 60 -9.43 24.96 8.14
C LYS A 60 -8.15 24.56 8.93
N GLN A 70 0.71 23.86 5.18
CA GLN A 70 0.17 24.49 3.99
C GLN A 70 -0.89 25.56 4.31
N ALA A 71 -2.23 25.37 4.11
CA ALA A 71 -3.41 26.24 4.36
C ALA A 71 -3.45 27.74 4.02
N TYR A 72 -4.46 28.13 3.17
CA TYR A 72 -4.72 29.54 2.76
C TYR A 72 -5.32 30.40 3.86
N THR A 73 -4.86 31.64 3.79
CA THR A 73 -5.25 32.72 4.67
C THR A 73 -6.35 33.55 3.94
N PRO A 74 -7.66 33.48 4.35
CA PRO A 74 -8.79 34.03 3.59
C PRO A 74 -9.21 35.49 3.78
N GLY A 75 -9.00 36.13 2.62
CA GLY A 75 -9.15 37.57 2.36
C GLY A 75 -7.99 38.05 1.50
N GLN A 76 -6.95 37.18 1.41
CA GLN A 76 -5.75 37.32 0.59
C GLN A 76 -5.90 36.50 -0.71
N PRO A 77 -5.13 36.62 -1.84
CA PRO A 77 -5.09 35.68 -2.96
C PRO A 77 -4.81 34.20 -2.74
N ILE A 78 -5.35 33.44 -3.72
CA ILE A 78 -5.13 32.01 -3.89
C ILE A 78 -3.75 31.89 -4.53
N GLN A 79 -2.91 31.00 -3.96
CA GLN A 79 -1.59 30.67 -4.49
C GLN A 79 -1.72 29.35 -5.24
N GLY A 80 -0.93 29.30 -6.31
CA GLY A 80 -0.79 28.14 -7.17
C GLY A 80 0.37 28.36 -8.09
N TYR A 81 0.62 27.33 -8.91
CA TYR A 81 1.65 27.30 -9.95
C TYR A 81 1.30 28.09 -11.21
N GLY A 82 2.37 28.56 -11.88
CA GLY A 82 2.27 29.32 -13.11
C GLY A 82 3.58 29.86 -13.62
N VAL A 83 3.46 30.18 -14.92
CA VAL A 83 4.46 30.78 -15.81
C VAL A 83 4.31 32.29 -15.81
N SER A 84 5.51 32.84 -15.62
CA SER A 84 5.72 34.27 -15.46
C SER A 84 6.98 34.87 -16.05
N ARG A 85 6.89 36.11 -16.55
CA ARG A 85 8.01 36.90 -17.08
C ARG A 85 8.52 37.90 -16.05
N ILE A 86 9.86 38.05 -15.92
CA ILE A 86 10.43 39.04 -15.01
C ILE A 86 10.40 40.39 -15.72
N ILE A 87 9.87 41.24 -14.81
CA ILE A 87 9.68 42.66 -15.01
C ILE A 87 10.92 43.24 -14.31
N GLU A 88 11.18 43.22 -12.98
CA GLU A 88 12.40 43.74 -12.37
C GLU A 88 12.94 42.92 -11.19
N SER A 89 14.25 42.66 -11.25
CA SER A 89 14.98 41.80 -10.30
C SER A 89 15.95 42.34 -9.24
N GLY A 90 15.98 41.56 -8.16
CA GLY A 90 16.83 41.70 -6.97
C GLY A 90 17.39 40.36 -6.46
N HIS A 91 17.21 39.30 -7.30
CA HIS A 91 17.76 37.94 -7.17
C HIS A 91 18.94 37.89 -8.17
N PRO A 92 20.18 37.34 -7.94
CA PRO A 92 21.32 37.39 -8.86
C PRO A 92 21.21 36.66 -10.20
N ASP A 93 20.22 35.75 -10.27
CA ASP A 93 20.00 34.88 -11.41
C ASP A 93 19.17 35.39 -12.56
N TYR A 94 18.00 35.93 -12.21
CA TYR A 94 17.06 36.53 -13.14
C TYR A 94 17.40 38.00 -13.36
N LYS A 95 17.13 38.39 -14.60
CA LYS A 95 17.19 39.73 -15.17
C LYS A 95 15.82 39.96 -15.81
N LYS A 96 15.52 41.19 -16.29
CA LYS A 96 14.28 41.54 -17.00
C LYS A 96 14.12 40.74 -18.29
N GLY A 97 12.91 40.19 -18.41
CA GLY A 97 12.49 39.54 -19.64
C GLY A 97 12.63 38.04 -19.74
N ASP A 98 13.30 37.37 -18.76
CA ASP A 98 13.40 35.90 -18.77
C ASP A 98 12.28 35.26 -17.96
N LEU A 99 12.14 33.95 -18.18
CA LEU A 99 11.03 33.14 -17.74
C LEU A 99 11.13 32.16 -16.60
N LEU A 100 10.23 32.34 -15.63
CA LEU A 100 10.05 31.52 -14.43
C LEU A 100 8.75 30.70 -14.45
N TRP A 101 8.80 29.56 -13.73
CA TRP A 101 7.65 28.74 -13.34
C TRP A 101 7.81 28.38 -11.87
N GLY A 102 6.73 28.48 -11.12
CA GLY A 102 6.67 28.14 -9.71
C GLY A 102 5.51 28.87 -9.07
N ILE A 103 5.56 28.93 -7.72
CA ILE A 103 4.45 29.44 -6.91
C ILE A 103 4.42 30.96 -6.86
N VAL A 104 3.46 31.34 -7.70
CA VAL A 104 2.96 32.71 -7.89
C VAL A 104 1.63 32.81 -7.11
N ALA A 105 1.16 34.06 -6.99
CA ALA A 105 -0.19 34.34 -6.49
C ALA A 105 -1.10 34.61 -7.69
N TRP A 106 -2.43 34.47 -7.53
CA TRP A 106 -3.45 34.67 -8.57
C TRP A 106 -3.94 36.12 -8.67
N GLU A 107 -2.99 36.77 -9.35
CA GLU A 107 -2.97 38.13 -9.78
C GLU A 107 -2.24 38.27 -11.10
N GLU A 108 -2.22 39.48 -11.66
CA GLU A 108 -1.60 39.85 -12.94
C GLU A 108 -0.11 40.01 -12.90
N TYR A 109 0.33 40.57 -11.75
CA TYR A 109 1.68 40.98 -11.42
C TYR A 109 2.00 40.57 -9.97
N SER A 110 3.05 39.75 -9.71
CA SER A 110 3.44 39.35 -8.35
C SER A 110 4.90 39.55 -7.88
N VAL A 111 5.10 39.72 -6.54
CA VAL A 111 6.43 39.85 -5.90
C VAL A 111 6.81 38.65 -5.00
N ILE A 112 7.23 37.60 -5.69
CA ILE A 112 7.76 36.39 -5.11
C ILE A 112 9.27 36.40 -5.04
N THR A 113 9.74 35.83 -3.93
CA THR A 113 11.15 35.62 -3.66
C THR A 113 11.49 34.17 -4.06
N PRO A 114 12.35 33.88 -5.09
CA PRO A 114 12.79 32.51 -5.46
C PRO A 114 13.66 31.72 -4.49
N MET A 115 13.01 30.60 -4.20
CA MET A 115 13.52 29.47 -3.41
C MET A 115 13.70 28.46 -4.55
N THR A 116 14.91 27.89 -4.72
CA THR A 116 15.33 27.06 -5.87
C THR A 116 14.46 25.90 -6.40
N HIS A 117 13.75 25.30 -5.42
CA HIS A 117 12.84 24.19 -5.66
C HIS A 117 11.35 24.39 -5.43
N ALA A 118 11.03 25.68 -5.44
CA ALA A 118 9.66 26.17 -5.53
C ALA A 118 9.62 26.71 -6.95
N HIS A 119 10.60 27.61 -7.28
CA HIS A 119 10.80 28.34 -8.55
C HIS A 119 12.03 27.95 -9.38
N PHE A 120 11.72 27.74 -10.67
CA PHE A 120 12.54 27.24 -11.78
C PHE A 120 12.54 28.09 -13.05
N LYS A 121 13.73 28.37 -13.65
CA LYS A 121 13.95 29.11 -14.89
C LYS A 121 13.85 28.30 -16.19
N ILE A 122 13.03 28.82 -17.14
CA ILE A 122 12.75 28.32 -18.50
C ILE A 122 13.79 28.97 -19.39
N GLN A 123 14.35 27.96 -20.04
CA GLN A 123 15.39 28.09 -21.03
C GLN A 123 14.92 27.79 -22.43
N HIS A 124 14.17 26.67 -22.58
CA HIS A 124 13.65 26.20 -23.87
C HIS A 124 12.24 26.76 -24.09
N THR A 125 12.28 27.78 -24.96
CA THR A 125 11.14 28.57 -25.41
C THR A 125 10.61 28.07 -26.78
N ASP A 126 11.09 26.90 -27.28
CA ASP A 126 10.68 26.23 -28.53
C ASP A 126 9.56 25.15 -28.40
N VAL A 127 8.84 25.42 -27.30
CA VAL A 127 7.73 24.65 -26.79
C VAL A 127 6.63 25.59 -26.33
N PRO A 128 5.32 25.30 -26.58
CA PRO A 128 4.15 26.13 -26.20
C PRO A 128 3.87 26.87 -24.87
N LEU A 129 4.87 27.09 -23.98
CA LEU A 129 4.88 27.83 -22.67
C LEU A 129 3.78 27.70 -21.60
N SER A 130 2.59 27.23 -22.02
CA SER A 130 1.44 26.79 -21.22
C SER A 130 1.69 25.34 -20.78
N TYR A 131 2.66 24.71 -21.48
CA TYR A 131 3.25 23.40 -21.23
C TYR A 131 4.08 23.39 -19.97
N TYR A 132 4.59 24.54 -19.51
CA TYR A 132 5.32 24.72 -18.27
C TYR A 132 4.44 25.02 -17.04
N THR A 133 3.11 24.76 -17.18
CA THR A 133 2.13 24.72 -16.09
C THR A 133 1.72 23.28 -15.79
N GLY A 134 1.96 22.49 -16.86
CA GLY A 134 1.61 21.11 -17.05
C GLY A 134 2.70 20.13 -17.44
N LEU A 135 2.93 19.74 -18.72
CA LEU A 135 3.87 18.68 -19.19
C LEU A 135 5.29 18.81 -18.70
N LEU A 136 5.75 20.05 -18.67
CA LEU A 136 7.07 20.46 -18.31
C LEU A 136 7.07 21.22 -16.99
N GLY A 137 5.96 21.06 -16.25
CA GLY A 137 5.73 21.68 -14.94
C GLY A 137 5.74 20.65 -13.82
N MET A 138 4.88 20.92 -12.81
CA MET A 138 4.64 20.07 -11.65
C MET A 138 3.70 18.88 -11.97
N PRO A 139 2.67 18.80 -12.89
CA PRO A 139 2.06 17.59 -13.43
C PRO A 139 2.87 16.68 -14.26
N GLY A 140 3.90 17.25 -14.85
CA GLY A 140 4.80 16.49 -15.68
C GLY A 140 5.89 15.72 -14.96
N MET A 141 6.36 16.35 -13.85
CA MET A 141 7.37 15.79 -12.98
C MET A 141 6.75 14.69 -12.13
N THR A 142 5.45 14.77 -11.81
CA THR A 142 4.61 13.74 -11.16
C THR A 142 4.45 12.47 -11.99
N ALA A 143 4.30 12.68 -13.29
CA ALA A 143 4.17 11.59 -14.23
C ALA A 143 5.47 10.90 -14.61
N TYR A 144 6.64 11.54 -14.41
CA TYR A 144 7.98 10.98 -14.63
C TYR A 144 8.38 10.16 -13.39
N ALA A 145 8.35 10.83 -12.23
CA ALA A 145 8.68 10.34 -10.88
C ALA A 145 7.87 9.22 -10.30
N GLY A 146 6.56 9.31 -10.52
CA GLY A 146 5.60 8.32 -10.07
C GLY A 146 5.49 7.08 -10.93
N PHE A 147 5.78 7.27 -12.23
CA PHE A 147 5.86 6.11 -13.06
C PHE A 147 7.26 5.48 -13.01
N TYR A 148 8.43 6.15 -13.13
CA TYR A 148 9.71 5.48 -13.23
C TYR A 148 10.37 4.93 -11.99
N GLU A 149 10.10 5.60 -10.86
CA GLU A 149 10.60 5.18 -9.56
C GLU A 149 9.61 4.36 -8.74
N VAL A 150 8.44 4.98 -8.43
CA VAL A 150 7.42 4.50 -7.48
C VAL A 150 6.39 3.52 -8.03
N CYS A 151 6.33 3.33 -9.36
CA CYS A 151 5.51 2.26 -9.96
C CYS A 151 6.38 1.05 -10.26
N SER A 152 7.73 1.20 -10.22
CA SER A 152 8.85 0.29 -10.53
C SER A 152 8.65 -0.58 -11.82
N PRO A 153 8.63 -0.04 -13.09
CA PRO A 153 8.33 -0.78 -14.33
C PRO A 153 9.31 -1.65 -15.11
N LYS A 154 8.72 -2.77 -15.53
CA LYS A 154 9.32 -3.68 -16.49
C LYS A 154 8.44 -3.62 -17.73
N GLU A 155 9.00 -4.22 -18.80
CA GLU A 155 8.43 -4.31 -20.12
C GLU A 155 7.38 -5.38 -20.22
N GLY A 156 6.34 -5.02 -20.97
CA GLY A 156 5.19 -5.89 -21.28
C GLY A 156 4.06 -5.85 -20.27
N GLU A 157 4.46 -5.51 -19.00
CA GLU A 157 3.66 -5.34 -17.78
C GLU A 157 2.51 -4.41 -17.94
N THR A 158 1.36 -4.57 -17.28
CA THR A 158 0.18 -3.79 -17.65
C THR A 158 -0.15 -2.68 -16.67
N VAL A 159 -0.44 -1.47 -17.23
CA VAL A 159 -0.69 -0.23 -16.47
C VAL A 159 -2.15 0.21 -16.56
N TYR A 160 -2.77 0.52 -15.41
CA TYR A 160 -4.02 1.23 -15.40
C TYR A 160 -3.73 2.60 -14.86
N VAL A 161 -4.27 3.61 -15.56
CA VAL A 161 -4.17 5.03 -15.19
C VAL A 161 -5.59 5.55 -15.00
N SER A 162 -5.95 6.05 -13.81
CA SER A 162 -7.24 6.73 -13.58
C SER A 162 -7.02 8.24 -13.74
N ALA A 163 -8.03 9.02 -14.20
CA ALA A 163 -7.98 10.45 -14.63
C ALA A 163 -6.80 10.71 -15.56
N ALA A 164 -6.98 9.85 -16.57
CA ALA A 164 -6.11 9.62 -17.74
C ALA A 164 -6.08 10.71 -18.79
N SER A 165 -7.22 11.42 -18.78
CA SER A 165 -7.66 12.57 -19.54
C SER A 165 -6.72 13.77 -19.43
N GLY A 166 -6.42 13.96 -18.13
CA GLY A 166 -5.77 15.12 -17.59
C GLY A 166 -4.40 14.93 -17.07
N ALA A 167 -3.82 16.13 -17.07
CA ALA A 167 -2.49 16.56 -16.63
C ALA A 167 -1.35 15.57 -16.37
N VAL A 168 -1.52 14.77 -15.29
CA VAL A 168 -0.58 13.76 -14.81
C VAL A 168 -0.80 12.52 -15.69
N GLY A 169 -2.04 12.00 -15.62
CA GLY A 169 -2.51 10.79 -16.25
C GLY A 169 -2.20 10.55 -17.71
N GLN A 170 -2.05 11.61 -18.50
CA GLN A 170 -1.82 11.55 -19.93
C GLN A 170 -0.40 11.38 -20.41
N LEU A 171 0.54 11.88 -19.58
CA LEU A 171 1.96 11.63 -19.82
C LEU A 171 2.33 10.24 -19.29
N VAL A 172 1.72 9.69 -18.22
CA VAL A 172 1.95 8.34 -17.64
C VAL A 172 1.73 7.19 -18.63
N GLY A 173 0.67 7.38 -19.41
CA GLY A 173 0.22 6.43 -20.43
C GLY A 173 0.92 6.52 -21.77
N GLN A 174 1.66 7.64 -21.95
CA GLN A 174 2.48 7.89 -23.12
C GLN A 174 3.85 7.35 -22.89
N LEU A 175 4.30 7.46 -21.62
CA LEU A 175 5.58 6.91 -21.11
C LEU A 175 5.59 5.40 -20.92
N ALA A 176 4.39 4.77 -20.81
CA ALA A 176 4.23 3.32 -20.74
C ALA A 176 4.23 2.61 -22.12
N LYS A 177 3.63 3.22 -23.18
CA LYS A 177 3.67 2.74 -24.55
C LYS A 177 4.65 3.63 -25.32
N MET A 178 5.85 3.41 -24.76
CA MET A 178 7.17 3.95 -25.11
C MET A 178 8.15 2.98 -24.44
N MET A 179 7.79 2.44 -23.26
CA MET A 179 8.50 1.38 -22.53
C MET A 179 8.18 0.02 -23.16
N GLY A 180 6.92 -0.11 -23.62
CA GLY A 180 6.40 -1.29 -24.29
C GLY A 180 5.35 -2.03 -23.49
N CYS A 181 4.67 -1.32 -22.58
CA CYS A 181 3.56 -1.79 -21.75
C CYS A 181 2.22 -1.72 -22.49
N TYR A 182 1.21 -2.38 -21.94
CA TYR A 182 -0.16 -2.33 -22.39
C TYR A 182 -0.84 -1.36 -21.38
N VAL A 183 -1.39 -0.24 -21.92
CA VAL A 183 -1.99 0.87 -21.16
C VAL A 183 -3.46 1.09 -21.45
N VAL A 184 -4.16 1.15 -20.30
CA VAL A 184 -5.60 1.45 -20.19
C VAL A 184 -5.71 2.62 -19.22
N GLY A 185 -6.74 3.39 -19.57
CA GLY A 185 -7.15 4.51 -18.78
C GLY A 185 -8.63 4.77 -18.83
N SER A 186 -9.14 5.40 -17.75
CA SER A 186 -10.50 5.83 -17.66
C SER A 186 -10.53 7.34 -17.58
N ALA A 187 -11.66 7.83 -18.07
CA ALA A 187 -12.09 9.21 -18.13
C ALA A 187 -13.62 9.27 -18.05
N GLY A 188 -14.25 10.41 -17.71
CA GLY A 188 -15.71 10.66 -17.49
C GLY A 188 -16.66 11.14 -18.61
N SER A 189 -16.25 11.21 -19.88
CA SER A 189 -17.06 11.53 -21.06
C SER A 189 -16.43 10.94 -22.31
N LYS A 190 -17.26 10.77 -23.35
CA LYS A 190 -16.83 10.27 -24.65
C LYS A 190 -16.57 11.45 -25.57
N GLU A 191 -15.35 11.90 -25.26
CA GLU A 191 -14.60 13.01 -25.86
C GLU A 191 -13.22 12.85 -25.26
N LYS A 192 -13.23 12.62 -23.93
CA LYS A 192 -12.08 12.38 -23.08
C LYS A 192 -11.56 10.96 -23.21
N VAL A 193 -12.45 9.99 -23.52
CA VAL A 193 -12.16 8.56 -23.76
C VAL A 193 -11.62 8.35 -25.17
N ASP A 194 -12.04 9.23 -26.07
CA ASP A 194 -11.69 9.18 -27.49
C ASP A 194 -10.31 9.69 -27.78
N LEU A 195 -9.89 10.59 -26.86
CA LEU A 195 -8.61 11.30 -26.82
C LEU A 195 -7.42 10.42 -26.50
N LEU A 196 -7.74 9.41 -25.68
CA LEU A 196 -6.89 8.35 -25.22
C LEU A 196 -6.47 7.40 -26.31
N LYS A 197 -7.37 7.06 -27.24
CA LYS A 197 -7.04 6.26 -28.44
C LYS A 197 -6.53 7.10 -29.62
N THR A 198 -7.10 8.32 -29.87
CA THR A 198 -6.76 9.27 -30.97
C THR A 198 -5.36 9.86 -30.78
N LYS A 199 -5.17 10.80 -29.81
CA LYS A 199 -3.93 11.55 -29.56
C LYS A 199 -2.82 10.74 -28.88
N PHE A 200 -3.16 10.04 -27.77
CA PHE A 200 -2.17 9.38 -26.91
C PHE A 200 -1.95 7.88 -27.07
N GLY A 201 -2.87 7.25 -27.82
CA GLY A 201 -2.80 5.86 -28.30
C GLY A 201 -2.70 4.78 -27.24
N PHE A 202 -3.62 4.89 -26.25
CA PHE A 202 -3.85 3.92 -25.16
C PHE A 202 -4.63 2.78 -25.80
N ASP A 203 -4.15 1.58 -25.43
CA ASP A 203 -4.57 0.29 -25.96
C ASP A 203 -6.03 -0.06 -25.88
N ASP A 204 -6.53 0.29 -24.71
CA ASP A 204 -7.95 0.27 -24.41
C ASP A 204 -8.13 1.48 -23.49
N ALA A 205 -9.43 1.74 -23.33
CA ALA A 205 -10.03 2.79 -22.55
C ALA A 205 -11.52 2.54 -22.46
N PHE A 206 -12.07 3.03 -21.34
CA PHE A 206 -13.48 3.00 -21.02
C PHE A 206 -13.88 4.31 -20.37
N ASN A 207 -15.20 4.46 -20.18
CA ASN A 207 -15.83 5.60 -19.52
C ASN A 207 -16.31 5.05 -18.20
N TYR A 208 -15.78 5.50 -17.04
CA TYR A 208 -16.16 4.93 -15.74
C TYR A 208 -17.57 5.30 -15.27
N LYS A 209 -18.06 6.40 -15.89
CA LYS A 209 -19.41 6.92 -15.68
C LYS A 209 -20.49 6.09 -16.39
N GLU A 210 -20.05 5.31 -17.40
CA GLU A 210 -20.86 4.35 -18.09
C GLU A 210 -20.83 2.94 -17.51
N GLU A 211 -20.14 2.83 -16.35
CA GLU A 211 -20.00 1.60 -15.59
C GLU A 211 -20.54 1.71 -14.16
N SER A 212 -21.60 0.91 -14.10
CA SER A 212 -22.40 0.50 -12.93
C SER A 212 -21.72 -0.71 -12.22
N ASP A 213 -20.97 -1.34 -13.12
CA ASP A 213 -20.22 -2.58 -13.11
C ASP A 213 -18.71 -2.36 -13.18
N LEU A 214 -18.09 -1.57 -12.25
CA LEU A 214 -16.67 -1.14 -12.32
C LEU A 214 -15.51 -2.14 -12.11
N THR A 215 -15.77 -3.22 -11.37
CA THR A 215 -14.87 -4.36 -11.08
C THR A 215 -14.80 -5.31 -12.28
N ALA A 216 -15.96 -5.41 -12.99
CA ALA A 216 -16.19 -6.14 -14.23
C ALA A 216 -15.59 -5.49 -15.48
N ALA A 217 -15.51 -4.15 -15.40
CA ALA A 217 -15.01 -3.18 -16.38
C ALA A 217 -13.53 -3.28 -16.59
N LEU A 218 -12.89 -3.58 -15.45
CA LEU A 218 -11.48 -3.83 -15.38
C LEU A 218 -11.14 -5.26 -15.74
N LYS A 219 -12.03 -6.25 -15.45
CA LYS A 219 -11.90 -7.67 -15.79
C LYS A 219 -11.91 -7.82 -17.31
N ARG A 220 -12.76 -6.96 -17.93
CA ARG A 220 -12.94 -6.78 -19.36
C ARG A 220 -11.70 -6.20 -20.03
N CYS A 221 -11.16 -5.06 -19.54
CA CYS A 221 -10.01 -4.37 -20.13
C CYS A 221 -8.64 -5.01 -19.96
N PHE A 222 -8.57 -5.83 -18.89
CA PHE A 222 -7.44 -6.63 -18.47
C PHE A 222 -7.72 -8.15 -18.40
N PRO A 223 -7.69 -8.98 -19.47
CA PRO A 223 -7.66 -10.47 -19.40
C PRO A 223 -6.50 -11.16 -18.65
N ASN A 224 -5.46 -10.34 -18.63
CA ASN A 224 -4.13 -10.53 -18.07
C ASN A 224 -3.97 -10.06 -16.62
N GLY A 225 -4.78 -9.06 -16.21
CA GLY A 225 -4.70 -8.44 -14.88
C GLY A 225 -3.84 -7.18 -14.92
N ILE A 226 -3.82 -6.45 -13.79
CA ILE A 226 -3.15 -5.17 -13.64
C ILE A 226 -1.93 -5.35 -12.78
N ASP A 227 -0.78 -5.01 -13.37
CA ASP A 227 0.52 -5.10 -12.70
C ASP A 227 0.91 -3.85 -11.97
N ILE A 228 0.59 -2.74 -12.62
CA ILE A 228 0.86 -1.36 -12.22
C ILE A 228 -0.48 -0.58 -12.25
N TYR A 229 -0.75 0.19 -11.20
CA TYR A 229 -1.81 1.17 -11.20
C TYR A 229 -1.13 2.48 -10.85
N PHE A 230 -1.66 3.50 -11.51
CA PHE A 230 -1.31 4.87 -11.22
C PHE A 230 -2.63 5.45 -10.71
N GLU A 231 -2.65 5.63 -9.37
CA GLU A 231 -3.78 6.15 -8.61
C GLU A 231 -3.83 7.65 -8.47
N ASN A 232 -4.83 8.20 -9.14
CA ASN A 232 -5.07 9.63 -9.13
C ASN A 232 -6.41 9.89 -8.50
N VAL A 233 -7.27 8.84 -8.36
CA VAL A 233 -8.67 8.91 -7.96
C VAL A 233 -9.15 8.40 -6.59
N GLY A 234 -9.08 7.14 -6.15
CA GLY A 234 -9.56 6.64 -4.86
C GLY A 234 -10.95 6.04 -4.85
N GLY A 235 -11.27 5.70 -3.59
CA GLY A 235 -12.51 5.10 -3.14
C GLY A 235 -12.80 3.72 -3.72
N LYS A 236 -13.88 3.78 -4.50
CA LYS A 236 -14.56 2.68 -5.17
C LYS A 236 -13.75 2.09 -6.32
N MET A 237 -12.93 2.97 -6.94
CA MET A 237 -12.03 2.67 -8.06
C MET A 237 -10.85 1.87 -7.56
N LEU A 238 -10.29 2.20 -6.36
CA LEU A 238 -9.21 1.45 -5.66
C LEU A 238 -9.71 0.11 -5.14
N ASP A 239 -11.00 -0.01 -4.76
CA ASP A 239 -11.66 -1.23 -4.27
C ASP A 239 -11.83 -2.27 -5.36
N ALA A 240 -12.00 -1.72 -6.57
CA ALA A 240 -12.16 -2.39 -7.85
C ALA A 240 -10.85 -2.83 -8.47
N VAL A 241 -9.81 -2.01 -8.26
CA VAL A 241 -8.47 -2.30 -8.79
C VAL A 241 -7.71 -3.30 -7.94
N LEU A 242 -8.02 -3.32 -6.64
CA LEU A 242 -7.49 -4.29 -5.71
C LEU A 242 -8.02 -5.69 -5.91
N VAL A 243 -9.22 -5.88 -6.50
CA VAL A 243 -9.77 -7.20 -6.90
C VAL A 243 -9.02 -7.72 -8.14
N ASN A 244 -8.71 -6.74 -8.98
CA ASN A 244 -8.16 -6.91 -10.32
C ASN A 244 -6.65 -7.00 -10.53
N MET A 245 -5.90 -6.77 -9.44
CA MET A 245 -4.45 -6.85 -9.43
C MET A 245 -3.86 -8.23 -9.69
N ASN A 246 -2.56 -8.21 -10.06
CA ASN A 246 -1.76 -9.41 -10.24
C ASN A 246 -0.78 -9.55 -9.08
N MET A 247 -0.06 -10.68 -9.06
CA MET A 247 1.01 -10.97 -8.10
C MET A 247 2.18 -10.04 -8.31
N HIS A 248 2.68 -9.48 -7.20
CA HIS A 248 3.82 -8.53 -7.06
C HIS A 248 3.70 -7.21 -7.86
N GLY A 249 2.43 -6.83 -7.70
CA GLY A 249 1.79 -5.69 -8.30
C GLY A 249 1.91 -4.42 -7.49
N ARG A 250 2.46 -3.38 -8.15
CA ARG A 250 2.64 -2.03 -7.58
C ARG A 250 1.45 -1.14 -7.90
N ILE A 251 1.09 -0.22 -6.97
CA ILE A 251 0.06 0.84 -7.07
C ILE A 251 0.85 2.08 -6.57
N ALA A 252 0.94 3.12 -7.42
CA ALA A 252 1.56 4.40 -7.07
C ALA A 252 0.50 5.46 -6.77
N VAL A 253 0.40 5.87 -5.49
CA VAL A 253 -0.65 6.78 -5.04
C VAL A 253 -0.22 8.25 -5.09
N CYS A 254 -0.76 8.81 -6.19
CA CYS A 254 -0.55 10.20 -6.59
C CYS A 254 -1.58 11.09 -5.97
N GLY A 255 -2.87 10.87 -6.27
CA GLY A 255 -3.91 11.65 -5.63
C GLY A 255 -5.12 10.86 -5.26
N MET A 256 -6.08 11.55 -4.66
CA MET A 256 -7.35 10.94 -4.32
C MET A 256 -8.54 11.86 -4.64
N ILE A 257 -8.76 12.33 -5.93
CA ILE A 257 -9.93 13.16 -6.32
C ILE A 257 -11.11 12.23 -6.52
N SER A 258 -11.75 12.18 -5.36
CA SER A 258 -12.96 11.44 -5.01
C SER A 258 -13.26 11.82 -3.58
N GLN A 259 -12.19 12.16 -2.87
CA GLN A 259 -12.12 12.35 -1.43
C GLN A 259 -11.91 13.76 -0.91
N TYR A 260 -11.25 14.61 -1.71
CA TYR A 260 -10.85 15.99 -1.39
C TYR A 260 -11.99 16.96 -1.08
N ASN A 261 -13.00 16.67 -1.91
CA ASN A 261 -14.35 17.22 -2.08
C ASN A 261 -15.31 17.01 -0.90
N LEU A 262 -15.00 15.97 -0.10
CA LEU A 262 -15.79 15.40 1.01
C LEU A 262 -15.48 15.71 2.47
N GLU A 263 -16.61 15.91 3.17
CA GLU A 263 -16.71 16.06 4.63
C GLU A 263 -17.20 14.75 5.31
N ASN A 264 -17.13 13.69 4.48
CA ASN A 264 -17.46 12.31 4.74
C ASN A 264 -16.14 11.53 4.78
N GLN A 265 -15.40 11.40 3.64
CA GLN A 265 -14.15 10.65 3.34
C GLN A 265 -14.24 9.11 3.46
N GLU A 266 -14.56 8.51 2.29
CA GLU A 266 -14.89 7.09 2.03
C GLU A 266 -13.94 5.96 2.39
N GLY A 267 -14.55 4.75 2.52
CA GLY A 267 -13.91 3.52 2.93
C GLY A 267 -13.65 2.49 1.88
N VAL A 268 -12.38 2.03 1.93
CA VAL A 268 -11.82 1.02 1.03
C VAL A 268 -11.80 -0.30 1.80
N HIS A 269 -12.66 -1.20 1.28
CA HIS A 269 -12.99 -2.50 1.87
C HIS A 269 -12.11 -3.69 1.50
N ASN A 270 -11.45 -3.60 0.34
CA ASN A 270 -10.65 -4.65 -0.27
C ASN A 270 -9.13 -4.64 -0.09
N LEU A 271 -8.65 -4.14 1.08
CA LEU A 271 -7.22 -4.11 1.40
C LEU A 271 -6.59 -5.42 1.90
N SER A 272 -7.38 -6.52 2.04
CA SER A 272 -6.95 -7.88 2.42
C SER A 272 -6.18 -8.59 1.31
N ASN A 273 -6.40 -8.08 0.09
CA ASN A 273 -5.85 -8.53 -1.17
C ASN A 273 -4.36 -8.31 -1.33
N ILE A 274 -3.80 -7.41 -0.48
CA ILE A 274 -2.41 -7.00 -0.41
C ILE A 274 -1.53 -8.14 0.12
N ILE A 275 -1.93 -9.01 1.08
CA ILE A 275 -1.18 -10.16 1.60
C ILE A 275 -1.02 -11.21 0.48
N TYR A 276 -2.16 -11.51 -0.15
CA TYR A 276 -2.47 -12.52 -1.19
C TYR A 276 -1.78 -12.21 -2.53
N LYS A 277 -2.05 -11.03 -3.12
CA LYS A 277 -1.52 -10.57 -4.39
C LYS A 277 -0.18 -9.82 -4.24
N ARG A 278 0.46 -9.83 -3.03
CA ARG A 278 1.76 -9.24 -2.63
C ARG A 278 2.07 -7.80 -3.13
N ASN A 279 1.07 -6.93 -2.82
CA ASN A 279 1.05 -5.50 -3.19
C ASN A 279 1.77 -4.42 -2.40
N ARG A 280 2.30 -3.50 -3.21
CA ARG A 280 2.97 -2.25 -2.86
C ARG A 280 2.07 -1.06 -3.22
N ILE A 281 1.43 -0.47 -2.19
CA ILE A 281 0.71 0.79 -2.32
C ILE A 281 1.65 1.80 -1.61
N GLN A 282 2.34 2.57 -2.47
CA GLN A 282 3.36 3.57 -2.14
C GLN A 282 2.92 4.92 -2.66
N GLY A 283 2.70 5.78 -1.65
CA GLY A 283 2.30 7.17 -1.79
C GLY A 283 3.47 8.10 -1.91
N PHE A 284 3.47 9.01 -2.90
CA PHE A 284 4.57 9.94 -3.04
C PHE A 284 4.16 11.40 -3.06
N VAL A 285 5.12 12.32 -2.89
CA VAL A 285 4.98 13.77 -3.17
C VAL A 285 6.06 14.13 -4.25
N VAL A 286 5.73 14.87 -5.35
CA VAL A 286 6.59 15.36 -6.48
C VAL A 286 7.84 16.18 -6.10
N SER A 287 7.68 16.99 -5.00
CA SER A 287 8.63 17.91 -4.40
C SER A 287 9.99 17.39 -3.94
N ASP A 288 9.86 16.07 -3.69
CA ASP A 288 10.92 15.18 -3.28
C ASP A 288 11.81 14.69 -4.41
N PHE A 289 11.28 14.88 -5.62
CA PHE A 289 11.94 14.41 -6.83
C PHE A 289 12.43 15.54 -7.71
N TYR A 290 12.41 16.81 -7.23
CA TYR A 290 12.79 17.94 -8.06
C TYR A 290 14.25 18.12 -8.42
N ASP A 291 15.08 17.32 -7.72
CA ASP A 291 16.51 17.13 -7.93
C ASP A 291 16.81 16.44 -9.27
N LYS A 292 15.80 15.66 -9.70
CA LYS A 292 15.73 14.90 -10.96
C LYS A 292 14.94 15.60 -12.10
N TYR A 293 14.54 16.91 -11.93
CA TYR A 293 13.86 17.75 -12.94
C TYR A 293 14.71 18.00 -14.17
N SER A 294 15.99 18.42 -14.04
CA SER A 294 16.94 18.64 -15.15
C SER A 294 17.31 17.41 -16.00
N LYS A 295 17.04 16.20 -15.45
CA LYS A 295 17.17 14.89 -16.11
C LYS A 295 15.88 14.57 -16.86
N PHE A 296 14.71 14.97 -16.30
CA PHE A 296 13.38 14.78 -16.90
C PHE A 296 13.24 15.63 -18.15
N LEU A 297 13.56 16.93 -17.97
CA LEU A 297 13.51 18.02 -18.95
C LEU A 297 14.32 17.74 -20.21
N GLU A 298 15.52 17.16 -20.03
CA GLU A 298 16.41 16.75 -21.10
C GLU A 298 16.01 15.41 -21.75
N PHE A 299 15.13 14.58 -21.14
CA PHE A 299 14.57 13.33 -21.69
C PHE A 299 13.37 13.63 -22.57
N VAL A 300 12.35 14.34 -22.03
CA VAL A 300 11.09 14.61 -22.72
C VAL A 300 11.15 15.62 -23.83
N LEU A 301 11.99 16.67 -23.75
CA LEU A 301 12.01 17.67 -24.79
C LEU A 301 12.53 17.15 -26.12
N PRO A 302 13.54 16.25 -26.37
CA PRO A 302 13.70 15.49 -27.61
C PRO A 302 12.48 14.85 -28.25
N HIS A 303 11.63 14.26 -27.38
CA HIS A 303 10.42 13.55 -27.78
C HIS A 303 9.22 14.47 -28.00
N ILE A 304 8.99 15.60 -27.25
CA ILE A 304 7.92 16.59 -27.50
C ILE A 304 8.09 17.29 -28.88
N ARG A 305 9.34 17.77 -29.12
CA ARG A 305 9.87 18.41 -30.31
C ARG A 305 9.71 17.56 -31.55
N GLU A 306 9.83 16.24 -31.35
CA GLU A 306 9.70 15.21 -32.38
C GLU A 306 8.31 14.83 -32.76
N GLY A 307 7.40 15.22 -31.87
CA GLY A 307 5.98 14.96 -31.95
C GLY A 307 5.56 13.68 -31.24
N LYS A 308 6.51 12.91 -30.66
CA LYS A 308 6.28 11.67 -29.92
C LYS A 308 5.55 11.83 -28.56
N ILE A 309 5.73 12.95 -27.82
CA ILE A 309 4.95 13.23 -26.60
C ILE A 309 4.16 14.52 -26.89
N THR A 310 2.85 14.29 -26.77
CA THR A 310 1.79 15.26 -26.95
C THR A 310 1.17 15.59 -25.60
N TYR A 311 0.24 16.57 -25.70
CA TYR A 311 -0.52 17.14 -24.62
C TYR A 311 -1.73 17.92 -25.11
N VAL A 312 -2.85 17.65 -24.39
CA VAL A 312 -4.15 18.31 -24.48
C VAL A 312 -4.38 19.14 -23.18
N GLU A 313 -4.64 20.43 -23.45
CA GLU A 313 -4.98 21.51 -22.49
C GLU A 313 -6.32 22.14 -22.84
N ASP A 314 -7.00 22.63 -21.77
CA ASP A 314 -8.20 23.42 -21.91
C ASP A 314 -7.78 24.80 -21.38
N VAL A 315 -7.78 25.87 -22.22
CA VAL A 315 -7.37 27.22 -21.77
C VAL A 315 -8.55 28.19 -21.59
N ALA A 316 -8.51 28.85 -20.42
CA ALA A 316 -9.50 29.83 -20.02
C ALA A 316 -8.87 31.22 -20.15
N ASP A 317 -9.62 32.23 -20.64
CA ASP A 317 -9.09 33.58 -20.89
C ASP A 317 -9.38 34.69 -19.89
N GLY A 318 -8.34 34.91 -19.07
CA GLY A 318 -8.24 35.92 -18.01
C GLY A 318 -8.56 35.41 -16.62
N LEU A 319 -8.30 36.24 -15.60
CA LEU A 319 -8.65 35.99 -14.19
C LEU A 319 -10.12 35.90 -13.80
N GLU A 320 -10.93 36.30 -14.79
CA GLU A 320 -12.38 36.38 -14.90
C GLU A 320 -12.99 35.00 -14.85
N LYS A 321 -12.48 34.20 -15.81
CA LYS A 321 -12.89 32.81 -15.99
C LYS A 321 -11.98 31.80 -15.31
N ALA A 322 -11.18 32.24 -14.30
CA ALA A 322 -10.32 31.43 -13.44
C ALA A 322 -10.97 30.83 -12.16
N PRO A 323 -12.04 31.35 -11.45
CA PRO A 323 -12.95 30.57 -10.57
C PRO A 323 -13.70 29.48 -11.29
N GLU A 324 -14.33 29.75 -12.45
CA GLU A 324 -15.01 28.84 -13.36
C GLU A 324 -14.19 27.61 -13.79
N ALA A 325 -12.88 27.89 -13.93
CA ALA A 325 -11.83 26.93 -14.25
C ALA A 325 -11.45 26.00 -13.09
N LEU A 326 -11.27 26.50 -11.85
CA LEU A 326 -10.91 25.67 -10.69
C LEU A 326 -12.09 24.90 -10.10
N VAL A 327 -13.33 25.41 -10.24
CA VAL A 327 -14.60 24.81 -9.77
C VAL A 327 -14.89 23.55 -10.59
N GLY A 328 -14.85 23.80 -11.93
CA GLY A 328 -15.04 22.86 -13.02
C GLY A 328 -14.11 21.65 -13.12
N LEU A 329 -13.01 21.67 -12.36
CA LEU A 329 -11.97 20.65 -12.30
C LEU A 329 -12.34 19.38 -11.56
N PHE A 330 -13.29 19.58 -10.64
CA PHE A 330 -13.81 18.55 -9.73
C PHE A 330 -15.08 17.82 -10.15
N HIS A 331 -15.56 18.33 -11.29
CA HIS A 331 -16.67 17.76 -12.03
C HIS A 331 -16.03 17.13 -13.26
N GLY A 332 -15.17 17.92 -13.94
CA GLY A 332 -14.40 17.48 -15.09
C GLY A 332 -14.94 18.03 -16.37
N LYS A 333 -14.89 19.37 -16.36
CA LYS A 333 -15.23 20.21 -17.50
C LYS A 333 -13.97 20.49 -18.34
N ASN A 334 -12.82 20.23 -17.69
CA ASN A 334 -11.47 20.29 -18.24
C ASN A 334 -11.23 19.13 -19.20
N VAL A 335 -10.91 19.38 -20.47
CA VAL A 335 -10.54 18.30 -21.39
C VAL A 335 -9.02 18.47 -21.47
N GLY A 336 -8.49 17.78 -20.45
CA GLY A 336 -7.06 17.72 -20.19
C GLY A 336 -6.65 18.63 -19.05
N LYS A 337 -5.57 19.38 -19.30
CA LYS A 337 -5.00 20.29 -18.33
C LYS A 337 -5.63 21.67 -18.30
N GLN A 338 -6.13 21.98 -17.10
CA GLN A 338 -6.73 23.26 -16.88
C GLN A 338 -5.79 24.38 -16.41
N VAL A 339 -5.40 25.05 -17.50
CA VAL A 339 -4.61 26.27 -17.54
C VAL A 339 -5.56 27.47 -17.78
N VAL A 340 -5.11 28.60 -17.20
CA VAL A 340 -5.74 29.92 -17.37
C VAL A 340 -4.65 30.77 -18.03
N VAL A 341 -4.92 31.54 -19.13
CA VAL A 341 -3.97 32.54 -19.66
C VAL A 341 -4.41 33.86 -19.05
N VAL A 342 -3.46 34.57 -18.40
CA VAL A 342 -3.71 35.89 -17.80
C VAL A 342 -3.25 36.94 -18.82
N ALA A 343 -2.07 36.67 -19.45
CA ALA A 343 -1.42 37.52 -20.44
C ALA A 343 -0.75 36.85 -21.64
N ARG A 344 -1.17 37.43 -22.79
CA ARG A 344 -0.77 37.09 -24.15
C ARG A 344 0.59 37.73 -24.52
N GLU A 345 1.60 36.84 -24.57
CA GLU A 345 3.06 37.01 -24.84
C GLU A 345 3.87 38.15 -24.19
N MET B 1 2.02 -54.32 8.31
CA MET B 1 1.29 -53.80 9.46
C MET B 1 0.36 -52.64 9.14
N THR B 2 -0.91 -52.65 9.60
CA THR B 2 -1.86 -51.55 9.42
C THR B 2 -2.01 -50.70 10.69
N ALA B 3 -2.19 -49.40 10.42
CA ALA B 3 -2.37 -48.35 11.40
C ALA B 3 -3.74 -47.72 11.34
N THR B 4 -4.27 -47.55 12.56
CA THR B 4 -5.58 -46.95 12.87
C THR B 4 -5.35 -45.43 13.00
N ASN B 5 -5.54 -44.86 11.79
CA ASN B 5 -5.35 -43.45 11.43
C ASN B 5 -6.57 -42.51 11.54
N LYS B 6 -6.75 -41.81 12.69
CA LYS B 6 -7.81 -40.82 12.91
C LYS B 6 -7.46 -39.54 12.16
N GLN B 7 -8.52 -38.92 11.67
CA GLN B 7 -8.50 -37.73 10.82
C GLN B 7 -9.50 -36.70 11.25
N VAL B 8 -9.13 -35.42 10.98
CA VAL B 8 -10.04 -34.28 11.03
C VAL B 8 -10.20 -33.70 9.60
N ILE B 9 -11.47 -33.84 9.21
CA ILE B 9 -12.15 -33.47 7.97
C ILE B 9 -12.87 -32.14 8.15
N LEU B 10 -13.01 -31.40 7.05
CA LEU B 10 -13.85 -30.21 6.93
C LEU B 10 -15.17 -30.73 6.32
N LYS B 11 -16.36 -30.34 6.81
CA LYS B 11 -17.67 -30.75 6.28
C LYS B 11 -17.98 -30.18 4.89
N ASP B 12 -18.04 -28.84 4.86
CA ASP B 12 -18.29 -27.96 3.73
C ASP B 12 -17.69 -26.59 4.08
N TYR B 13 -17.82 -25.65 3.14
CA TYR B 13 -17.35 -24.28 3.16
C TYR B 13 -17.92 -23.36 4.22
N VAL B 14 -17.02 -22.52 4.74
CA VAL B 14 -17.34 -21.53 5.79
C VAL B 14 -17.67 -20.15 5.18
N SER B 15 -18.73 -19.67 5.86
CA SER B 15 -19.27 -18.33 5.83
C SER B 15 -19.29 -17.93 7.32
N GLY B 16 -18.68 -16.75 7.53
CA GLY B 16 -18.48 -16.12 8.84
C GLY B 16 -17.31 -16.73 9.62
N PHE B 17 -17.58 -17.00 10.89
CA PHE B 17 -16.70 -17.62 11.86
C PHE B 17 -16.66 -19.14 11.82
N PRO B 18 -15.54 -19.87 12.14
CA PRO B 18 -15.54 -21.29 12.46
C PRO B 18 -16.02 -21.63 13.86
N THR B 19 -16.64 -22.81 13.83
CA THR B 19 -17.28 -23.51 14.92
C THR B 19 -16.69 -24.95 14.94
N GLU B 20 -16.70 -25.77 16.04
CA GLU B 20 -16.25 -27.19 16.11
C GLU B 20 -17.01 -28.19 15.21
N SER B 21 -18.16 -27.66 14.79
CA SER B 21 -19.20 -28.18 13.90
C SER B 21 -18.88 -28.13 12.44
N ASP B 22 -18.04 -27.23 11.94
CA ASP B 22 -17.70 -27.14 10.52
C ASP B 22 -16.66 -28.15 10.05
N PHE B 23 -16.19 -28.86 11.09
CA PHE B 23 -15.23 -29.95 11.15
C PHE B 23 -15.91 -31.24 11.62
N ASP B 24 -15.36 -32.39 11.19
CA ASP B 24 -15.81 -33.74 11.49
C ASP B 24 -14.69 -34.79 11.59
N PHE B 25 -15.02 -35.97 12.16
CA PHE B 25 -14.11 -37.10 12.39
C PHE B 25 -14.35 -38.39 11.66
N THR B 26 -13.21 -38.92 11.18
CA THR B 26 -13.10 -40.21 10.50
C THR B 26 -11.82 -40.97 10.87
N THR B 27 -11.78 -42.29 10.56
CA THR B 27 -10.65 -43.21 10.66
C THR B 27 -10.53 -43.95 9.32
N THR B 28 -9.24 -44.11 8.98
CA THR B 28 -8.72 -44.86 7.84
C THR B 28 -7.66 -45.88 8.30
N THR B 29 -7.19 -46.72 7.35
CA THR B 29 -6.20 -47.79 7.52
C THR B 29 -5.12 -47.64 6.46
N VAL B 30 -4.09 -46.99 7.01
CA VAL B 30 -2.85 -46.66 6.32
C VAL B 30 -1.79 -47.68 6.74
N GLU B 31 -1.15 -48.40 5.78
CA GLU B 31 -0.09 -49.40 6.05
C GLU B 31 1.35 -48.84 6.15
N LEU B 32 1.97 -49.22 7.30
CA LEU B 32 3.30 -48.87 7.82
C LEU B 32 4.58 -48.98 6.97
N ARG B 33 4.44 -49.43 5.71
CA ARG B 33 5.55 -49.52 4.78
C ARG B 33 5.65 -48.37 3.76
N VAL B 34 6.57 -48.52 2.80
CA VAL B 34 7.02 -47.61 1.71
C VAL B 34 5.90 -47.02 0.82
N PRO B 35 5.91 -45.72 0.43
CA PRO B 35 5.27 -45.23 -0.79
C PRO B 35 6.17 -45.04 -2.01
N GLU B 36 5.64 -45.61 -3.10
CA GLU B 36 6.21 -45.56 -4.44
C GLU B 36 5.50 -44.49 -5.25
N GLY B 37 6.34 -43.64 -5.85
CA GLY B 37 5.91 -42.58 -6.75
C GLY B 37 7.01 -41.71 -7.34
N THR B 38 6.80 -40.45 -6.95
CA THR B 38 7.57 -39.27 -7.35
C THR B 38 8.91 -39.09 -6.63
N ASN B 39 8.85 -39.00 -5.29
CA ASN B 39 9.90 -38.84 -4.25
C ASN B 39 9.13 -38.75 -2.92
N SER B 40 8.27 -39.75 -2.73
CA SER B 40 7.29 -39.85 -1.65
C SER B 40 7.82 -40.38 -0.32
N VAL B 41 7.30 -39.87 0.84
CA VAL B 41 7.57 -40.39 2.21
C VAL B 41 6.29 -40.51 3.10
N LEU B 42 6.14 -41.62 3.85
CA LEU B 42 5.11 -41.79 4.86
C LEU B 42 5.77 -41.41 6.15
N VAL B 43 5.14 -40.39 6.71
CA VAL B 43 5.50 -39.82 8.00
C VAL B 43 4.48 -40.18 9.09
N LYS B 44 4.74 -39.78 10.34
CA LYS B 44 3.82 -39.83 11.48
C LYS B 44 3.93 -38.42 12.02
N ASN B 45 2.78 -37.71 11.97
CA ASN B 45 2.60 -36.33 12.47
C ASN B 45 2.52 -36.41 13.99
N LEU B 46 3.43 -35.64 14.57
CA LEU B 46 3.60 -35.59 16.01
C LEU B 46 3.03 -34.29 16.49
N TYR B 47 3.39 -33.16 15.86
CA TYR B 47 2.80 -31.86 16.18
C TYR B 47 2.21 -31.26 14.90
N LEU B 48 1.30 -30.34 15.17
CA LEU B 48 0.44 -29.65 14.23
C LEU B 48 0.16 -28.24 14.74
N SER B 49 -0.06 -27.35 13.76
CA SER B 49 -0.31 -25.93 13.93
C SER B 49 -1.67 -25.45 13.47
N CYS B 50 -2.06 -24.42 14.26
CA CYS B 50 -3.27 -23.62 14.08
C CYS B 50 -2.76 -22.22 13.90
N ASP B 51 -2.72 -22.01 12.59
CA ASP B 51 -2.28 -20.79 11.96
C ASP B 51 -3.50 -20.07 11.37
N PRO B 52 -3.73 -18.73 11.40
CA PRO B 52 -4.90 -18.15 10.76
C PRO B 52 -5.12 -18.02 9.23
N TYR B 53 -4.25 -18.57 8.32
CA TYR B 53 -4.45 -18.60 6.84
C TYR B 53 -5.62 -19.45 6.38
N MET B 54 -5.80 -20.46 7.26
CA MET B 54 -6.74 -21.53 7.27
C MET B 54 -8.18 -21.08 7.11
N ARG B 55 -8.61 -19.86 7.54
CA ARG B 55 -9.97 -19.31 7.34
C ARG B 55 -10.32 -19.01 5.88
N ILE B 56 -9.29 -18.46 5.20
CA ILE B 56 -9.41 -18.08 3.80
C ILE B 56 -8.66 -19.03 2.87
N ARG B 57 -8.97 -20.28 3.27
CA ARG B 57 -8.69 -21.60 2.69
C ARG B 57 -9.87 -22.55 3.04
N MET B 58 -10.65 -22.20 4.09
CA MET B 58 -11.93 -22.78 4.53
C MET B 58 -13.17 -22.19 3.86
N GLY B 59 -13.02 -21.01 3.24
CA GLY B 59 -14.06 -20.38 2.44
C GLY B 59 -14.10 -20.87 0.98
N LYS B 60 -15.24 -20.48 0.37
CA LYS B 60 -15.65 -20.72 -1.01
C LYS B 60 -14.69 -20.09 -2.04
N PRO B 61 -14.11 -20.81 -3.07
CA PRO B 61 -13.08 -20.31 -4.01
C PRO B 61 -13.30 -19.01 -4.80
N ASP B 62 -12.67 -18.02 -4.18
CA ASP B 62 -12.61 -16.65 -4.67
C ASP B 62 -11.23 -16.44 -5.33
N PRO B 63 -11.01 -15.86 -6.57
CA PRO B 63 -9.72 -15.71 -7.28
C PRO B 63 -8.56 -15.00 -6.58
N SER B 64 -9.00 -14.19 -5.60
CA SER B 64 -8.24 -13.34 -4.70
C SER B 64 -7.45 -14.10 -3.64
N THR B 65 -8.18 -15.04 -3.02
CA THR B 65 -7.76 -15.94 -1.95
C THR B 65 -7.00 -17.17 -2.46
N ALA B 66 -7.47 -17.66 -3.62
CA ALA B 66 -6.95 -18.80 -4.39
C ALA B 66 -5.62 -18.58 -5.16
N ALA B 67 -4.99 -17.45 -4.77
CA ALA B 67 -3.70 -16.93 -5.19
C ALA B 67 -2.99 -16.45 -3.92
N LEU B 68 -2.63 -17.50 -3.13
CA LEU B 68 -1.95 -17.50 -1.84
C LEU B 68 -1.49 -18.95 -1.59
N ALA B 69 -2.51 -19.79 -1.34
CA ALA B 69 -2.57 -21.22 -1.04
C ALA B 69 -4.06 -21.43 -1.23
N GLN B 70 -4.31 -22.36 -2.19
CA GLN B 70 -5.56 -22.76 -2.81
C GLN B 70 -6.94 -22.77 -2.09
N ALA B 71 -7.64 -23.91 -1.89
CA ALA B 71 -8.91 -24.08 -1.18
C ALA B 71 -9.04 -25.53 -0.75
N TYR B 72 -9.61 -25.78 0.46
CA TYR B 72 -9.84 -27.13 1.03
C TYR B 72 -11.01 -27.80 0.36
N THR B 73 -10.81 -29.08 -0.01
CA THR B 73 -11.78 -29.94 -0.70
C THR B 73 -12.71 -30.48 0.39
N PRO B 74 -14.07 -30.22 0.38
CA PRO B 74 -15.06 -30.75 1.33
C PRO B 74 -15.10 -32.27 1.54
N GLY B 75 -14.79 -32.65 2.78
CA GLY B 75 -14.85 -34.05 3.22
C GLY B 75 -13.58 -34.86 3.05
N GLN B 76 -12.47 -34.14 2.84
CA GLN B 76 -11.10 -34.64 2.76
C GLN B 76 -10.27 -33.89 3.78
N PRO B 77 -9.28 -34.43 4.57
CA PRO B 77 -8.57 -33.75 5.66
C PRO B 77 -7.84 -32.43 5.46
N ILE B 78 -8.05 -31.56 6.46
CA ILE B 78 -7.49 -30.21 6.56
C ILE B 78 -5.96 -30.17 6.49
N GLN B 79 -5.40 -29.59 5.42
CA GLN B 79 -3.96 -29.34 5.33
C GLN B 79 -3.53 -28.14 6.22
N GLY B 80 -2.29 -28.27 6.69
CA GLY B 80 -1.65 -27.30 7.56
C GLY B 80 -0.23 -27.70 7.86
N TYR B 81 0.51 -26.70 8.36
CA TYR B 81 1.91 -26.85 8.80
C TYR B 81 1.98 -27.59 10.14
N GLY B 82 2.94 -28.52 10.18
CA GLY B 82 3.18 -29.33 11.37
C GLY B 82 4.30 -30.34 11.28
N VAL B 83 4.88 -30.64 12.45
CA VAL B 83 6.09 -31.50 12.64
C VAL B 83 5.76 -32.97 12.54
N SER B 84 6.62 -33.59 11.73
CA SER B 84 6.49 -34.96 11.28
C SER B 84 7.78 -35.76 11.28
N ARG B 85 7.68 -37.09 11.55
CA ARG B 85 8.77 -38.06 11.66
C ARG B 85 8.61 -39.22 10.66
N ILE B 86 9.66 -39.52 9.86
CA ILE B 86 9.71 -40.57 8.84
C ILE B 86 9.69 -42.02 9.41
N ILE B 87 8.69 -42.77 8.91
CA ILE B 87 8.46 -44.18 9.22
C ILE B 87 9.15 -44.98 8.15
N GLU B 88 8.90 -44.55 6.91
CA GLU B 88 9.44 -45.13 5.68
C GLU B 88 9.50 -44.13 4.52
N SER B 89 10.63 -44.21 3.81
CA SER B 89 11.01 -43.34 2.71
C SER B 89 11.36 -44.01 1.40
N GLY B 90 11.02 -43.14 0.40
CA GLY B 90 11.25 -43.28 -1.03
C GLY B 90 11.96 -42.06 -1.63
N HIS B 91 12.54 -41.15 -0.80
CA HIS B 91 13.37 -40.00 -1.17
C HIS B 91 14.86 -40.23 -0.78
N PRO B 92 15.94 -39.69 -1.46
CA PRO B 92 17.34 -39.71 -0.99
C PRO B 92 17.84 -38.89 0.20
N ASP B 93 17.33 -37.66 0.39
CA ASP B 93 17.73 -36.79 1.50
C ASP B 93 17.06 -37.11 2.83
N TYR B 94 16.00 -37.93 2.73
CA TYR B 94 15.21 -38.43 3.83
C TYR B 94 15.33 -39.93 3.93
N LYS B 95 15.78 -40.36 5.11
CA LYS B 95 15.99 -41.75 5.54
C LYS B 95 15.06 -41.98 6.73
N LYS B 96 14.82 -43.26 6.99
CA LYS B 96 13.97 -43.87 8.03
C LYS B 96 14.44 -43.46 9.43
N GLY B 97 13.55 -42.70 10.10
CA GLY B 97 13.82 -42.13 11.42
C GLY B 97 14.17 -40.63 11.45
N ASP B 98 14.27 -39.94 10.28
CA ASP B 98 14.48 -38.48 10.13
C ASP B 98 13.26 -37.65 10.49
N LEU B 99 13.42 -36.38 10.86
CA LEU B 99 12.30 -35.51 11.20
C LEU B 99 12.16 -34.42 10.13
N LEU B 100 10.94 -33.88 9.93
CA LEU B 100 10.63 -32.77 9.04
C LEU B 100 9.53 -31.93 9.63
N TRP B 101 9.43 -30.70 9.11
CA TRP B 101 8.26 -29.83 9.32
C TRP B 101 7.79 -29.38 7.93
N GLY B 102 6.47 -29.18 7.76
CA GLY B 102 5.88 -28.85 6.46
C GLY B 102 4.41 -29.11 6.33
N ILE B 103 3.85 -29.04 5.09
CA ILE B 103 2.40 -29.19 4.84
C ILE B 103 2.00 -30.66 4.61
N VAL B 104 1.46 -30.98 5.80
CA VAL B 104 0.84 -32.25 6.14
C VAL B 104 -0.67 -32.08 6.33
N ALA B 105 -1.46 -33.16 6.22
CA ALA B 105 -2.89 -33.12 6.55
C ALA B 105 -3.15 -33.45 8.02
N TRP B 106 -4.30 -33.04 8.58
CA TRP B 106 -4.73 -33.28 9.95
C TRP B 106 -5.33 -34.68 10.12
N GLU B 107 -4.31 -35.56 10.14
CA GLU B 107 -4.31 -37.01 10.30
C GLU B 107 -3.06 -37.44 11.03
N GLU B 108 -3.08 -38.62 11.65
CA GLU B 108 -1.93 -39.19 12.36
C GLU B 108 -0.72 -39.64 11.51
N TYR B 109 -0.96 -40.09 10.27
CA TYR B 109 0.04 -40.56 9.31
C TYR B 109 -0.28 -39.95 7.95
N SER B 110 0.67 -39.17 7.40
CA SER B 110 0.55 -38.54 6.08
C SER B 110 1.55 -39.08 5.05
N VAL B 111 1.11 -39.00 3.77
CA VAL B 111 1.74 -39.49 2.54
C VAL B 111 1.97 -38.32 1.56
N ILE B 112 3.01 -37.61 2.00
CA ILE B 112 3.57 -36.39 1.37
C ILE B 112 4.73 -36.61 0.40
N THR B 113 4.87 -35.66 -0.53
CA THR B 113 6.02 -35.54 -1.44
C THR B 113 6.72 -34.31 -0.88
N PRO B 114 8.02 -34.40 -0.49
CA PRO B 114 8.86 -33.21 -0.28
C PRO B 114 9.37 -32.44 -1.47
N MET B 115 9.00 -31.17 -1.37
CA MET B 115 9.46 -30.08 -2.24
C MET B 115 9.97 -28.98 -1.34
N THR B 116 11.05 -28.35 -1.82
CA THR B 116 11.90 -27.41 -1.09
C THR B 116 11.38 -26.17 -0.35
N HIS B 117 10.22 -25.57 -0.70
CA HIS B 117 9.67 -24.39 -0.02
C HIS B 117 8.29 -24.69 0.59
N ALA B 118 8.19 -25.97 0.96
CA ALA B 118 7.03 -26.56 1.58
C ALA B 118 7.45 -27.48 2.71
N HIS B 119 8.51 -28.31 2.53
CA HIS B 119 9.03 -29.28 3.50
C HIS B 119 10.51 -29.14 3.66
N PHE B 120 10.77 -29.07 4.98
CA PHE B 120 12.07 -28.78 5.60
C PHE B 120 12.53 -29.68 6.73
N LYS B 121 13.80 -30.05 6.55
CA LYS B 121 14.64 -30.86 7.42
C LYS B 121 14.93 -30.29 8.79
N ILE B 122 14.88 -31.22 9.75
CA ILE B 122 15.27 -30.93 11.12
C ILE B 122 16.55 -31.73 11.25
N GLN B 123 17.59 -30.89 11.38
CA GLN B 123 18.97 -31.25 11.66
C GLN B 123 19.27 -30.95 13.13
N HIS B 124 18.47 -30.08 13.78
CA HIS B 124 18.68 -29.59 15.13
C HIS B 124 17.59 -30.00 16.11
N THR B 125 17.89 -31.07 16.87
CA THR B 125 16.97 -31.63 17.87
C THR B 125 17.59 -31.52 19.29
N ASP B 126 18.24 -30.36 19.45
CA ASP B 126 18.87 -29.87 20.68
C ASP B 126 17.96 -28.93 21.50
N VAL B 127 16.74 -28.66 20.96
CA VAL B 127 15.75 -27.63 21.36
C VAL B 127 14.27 -28.07 21.00
N PRO B 128 13.07 -27.74 21.60
CA PRO B 128 11.74 -28.34 21.34
C PRO B 128 11.23 -28.48 19.93
N LEU B 129 10.81 -29.74 19.72
CA LEU B 129 10.33 -30.22 18.44
C LEU B 129 9.00 -29.66 18.03
N SER B 130 8.28 -29.16 19.04
CA SER B 130 7.09 -28.34 19.00
C SER B 130 7.26 -26.96 18.34
N TYR B 131 8.48 -26.39 18.43
CA TYR B 131 8.82 -25.03 17.96
C TYR B 131 8.98 -24.82 16.47
N TYR B 132 8.92 -25.92 15.75
CA TYR B 132 8.95 -25.97 14.31
C TYR B 132 7.60 -25.81 13.59
N THR B 133 6.60 -25.42 14.41
CA THR B 133 5.21 -25.02 14.13
C THR B 133 5.09 -23.53 14.54
N GLY B 134 6.24 -22.82 14.75
CA GLY B 134 6.31 -21.50 15.37
C GLY B 134 7.60 -20.75 15.19
N LEU B 135 8.40 -20.62 16.27
CA LEU B 135 9.68 -19.88 16.35
C LEU B 135 10.76 -20.30 15.39
N LEU B 136 10.98 -21.62 15.26
CA LEU B 136 11.92 -22.27 14.35
C LEU B 136 11.23 -22.73 13.06
N GLY B 137 10.00 -22.24 12.89
CA GLY B 137 9.14 -22.57 11.77
C GLY B 137 8.72 -21.32 11.05
N MET B 138 7.54 -21.52 10.42
CA MET B 138 6.92 -20.54 9.55
C MET B 138 6.45 -19.32 10.32
N PRO B 139 5.79 -19.25 11.53
CA PRO B 139 5.53 -17.99 12.22
C PRO B 139 6.71 -17.10 12.55
N GLY B 140 7.85 -17.76 12.80
CA GLY B 140 9.14 -17.13 13.11
C GLY B 140 9.88 -16.59 11.89
N MET B 141 9.72 -17.25 10.72
CA MET B 141 10.28 -16.88 9.43
C MET B 141 9.56 -15.66 8.87
N THR B 142 8.28 -15.46 9.22
CA THR B 142 7.42 -14.32 8.87
C THR B 142 7.88 -13.03 9.53
N ALA B 143 8.27 -13.27 10.77
CA ALA B 143 8.79 -12.29 11.68
C ALA B 143 10.21 -11.88 11.38
N TYR B 144 11.06 -12.73 10.75
CA TYR B 144 12.44 -12.42 10.33
C TYR B 144 12.33 -11.61 9.04
N ALA B 145 11.71 -12.26 8.04
CA ALA B 145 11.51 -11.73 6.72
C ALA B 145 10.08 -11.26 6.61
N GLY B 146 10.08 -9.99 6.99
CA GLY B 146 8.87 -9.25 7.20
C GLY B 146 9.18 -8.03 7.98
N PHE B 147 9.87 -8.25 9.11
CA PHE B 147 10.41 -7.16 9.88
C PHE B 147 11.75 -6.72 9.26
N TYR B 148 12.73 -7.59 8.94
CA TYR B 148 14.01 -7.13 8.37
C TYR B 148 14.03 -6.73 6.90
N GLU B 149 13.16 -7.37 6.13
CA GLU B 149 13.10 -7.20 4.71
C GLU B 149 12.13 -6.14 4.25
N VAL B 150 10.83 -6.17 4.65
CA VAL B 150 9.84 -5.22 4.11
C VAL B 150 9.38 -4.04 4.97
N CYS B 151 9.71 -4.10 6.29
CA CYS B 151 9.54 -2.99 7.22
C CYS B 151 10.70 -1.99 7.22
N SER B 152 11.80 -2.47 6.59
CA SER B 152 13.14 -1.93 6.35
C SER B 152 13.66 -0.98 7.43
N PRO B 153 14.11 -1.62 8.55
CA PRO B 153 13.87 -1.16 9.90
C PRO B 153 14.68 -0.01 10.41
N LYS B 154 16.04 0.09 10.30
CA LYS B 154 16.94 1.17 10.82
C LYS B 154 16.74 1.55 12.30
N GLU B 155 17.77 1.34 13.16
CA GLU B 155 17.81 1.63 14.60
C GLU B 155 17.26 2.95 15.15
N GLY B 156 16.67 2.77 16.34
CA GLY B 156 16.08 3.84 17.12
C GLY B 156 14.63 4.19 16.83
N GLU B 157 14.12 3.72 15.68
CA GLU B 157 12.79 3.98 15.16
C GLU B 157 11.63 3.37 15.92
N THR B 158 10.42 3.96 15.86
CA THR B 158 9.28 3.51 16.64
C THR B 158 8.42 2.56 15.84
N VAL B 159 8.21 1.38 16.43
CA VAL B 159 7.48 0.25 15.85
C VAL B 159 6.17 0.14 16.58
N TYR B 160 5.14 -0.24 15.84
CA TYR B 160 3.90 -0.73 16.40
C TYR B 160 3.73 -2.12 15.82
N VAL B 161 3.27 -2.97 16.76
CA VAL B 161 2.94 -4.36 16.51
C VAL B 161 1.54 -4.55 17.06
N SER B 162 0.66 -4.99 16.15
CA SER B 162 -0.66 -5.50 16.55
C SER B 162 -0.63 -7.06 16.45
N ALA B 163 -1.51 -7.73 17.26
CA ALA B 163 -1.64 -9.18 17.61
C ALA B 163 -0.31 -9.83 18.02
N ALA B 164 0.13 -8.99 18.96
CA ALA B 164 1.44 -9.02 19.55
C ALA B 164 1.84 -10.12 20.51
N SER B 165 0.89 -10.90 21.07
CA SER B 165 1.10 -12.06 21.95
C SER B 165 0.47 -13.26 21.26
N GLY B 166 1.24 -13.42 20.21
CA GLY B 166 1.00 -14.44 19.26
C GLY B 166 1.99 -14.42 18.14
N ALA B 167 2.57 -15.60 18.16
CA ALA B 167 3.66 -16.17 17.40
C ALA B 167 4.60 -15.43 16.44
N VAL B 168 4.01 -14.56 15.61
CA VAL B 168 4.67 -13.69 14.66
C VAL B 168 5.02 -12.37 15.37
N GLY B 169 3.99 -11.84 16.04
CA GLY B 169 4.00 -10.57 16.75
C GLY B 169 4.95 -10.41 17.92
N GLN B 170 5.05 -11.43 18.76
CA GLN B 170 5.95 -11.49 19.93
C GLN B 170 7.43 -11.63 19.60
N LEU B 171 7.67 -12.05 18.35
CA LEU B 171 8.97 -12.25 17.80
C LEU B 171 9.50 -11.01 17.16
N VAL B 172 8.60 -10.24 16.49
CA VAL B 172 8.84 -8.94 15.80
C VAL B 172 9.31 -7.92 16.79
N GLY B 173 8.60 -7.89 17.94
CA GLY B 173 8.86 -6.96 19.03
C GLY B 173 10.11 -7.20 19.84
N GLN B 174 10.71 -8.37 19.58
CA GLN B 174 11.95 -8.82 20.20
C GLN B 174 13.11 -8.56 19.29
N LEU B 175 12.90 -8.85 17.98
CA LEU B 175 13.79 -8.56 16.87
C LEU B 175 13.96 -7.06 16.65
N ALA B 176 12.94 -6.30 17.11
CA ALA B 176 12.92 -4.85 17.16
C ALA B 176 13.63 -4.28 18.34
N LYS B 177 13.47 -4.87 19.55
CA LYS B 177 14.24 -4.46 20.72
C LYS B 177 15.76 -4.66 20.67
N MET B 178 16.10 -5.60 19.77
CA MET B 178 17.43 -6.00 19.37
C MET B 178 18.13 -5.11 18.33
N MET B 179 17.38 -4.06 17.99
CA MET B 179 17.82 -2.96 17.17
C MET B 179 17.68 -1.67 17.99
N GLY B 180 17.12 -1.82 19.20
CA GLY B 180 16.88 -0.72 20.14
C GLY B 180 15.87 0.27 19.63
N CYS B 181 14.77 -0.34 19.17
CA CYS B 181 13.58 0.34 18.72
C CYS B 181 12.58 0.58 19.86
N TYR B 182 11.54 1.42 19.65
CA TYR B 182 10.50 1.65 20.66
C TYR B 182 9.27 0.91 20.12
N VAL B 183 9.09 -0.24 20.77
CA VAL B 183 8.04 -1.19 20.47
C VAL B 183 7.00 -1.10 21.56
N VAL B 184 5.78 -0.91 21.01
CA VAL B 184 4.51 -0.96 21.70
C VAL B 184 3.64 -2.03 21.02
N GLY B 185 2.98 -2.78 21.92
CA GLY B 185 2.00 -3.83 21.62
C GLY B 185 0.56 -3.47 21.90
N SER B 186 -0.23 -4.41 21.39
CA SER B 186 -1.67 -4.47 21.43
C SER B 186 -2.05 -5.94 21.43
N ALA B 187 -2.87 -6.29 22.44
CA ALA B 187 -3.46 -7.61 22.59
C ALA B 187 -4.82 -7.62 23.28
N GLY B 188 -5.58 -8.73 23.34
CA GLY B 188 -6.97 -8.86 23.81
C GLY B 188 -7.34 -8.97 25.27
N SER B 189 -6.49 -9.55 26.13
CA SER B 189 -6.72 -9.72 27.55
C SER B 189 -5.61 -9.08 28.35
N LYS B 190 -5.68 -9.09 29.71
CA LYS B 190 -4.67 -8.53 30.63
C LYS B 190 -3.53 -9.51 30.75
N GLU B 191 -3.82 -10.82 30.75
CA GLU B 191 -2.92 -11.99 30.76
C GLU B 191 -1.86 -11.94 29.66
N LYS B 192 -2.36 -11.43 28.53
CA LYS B 192 -1.69 -11.18 27.26
C LYS B 192 -0.81 -9.95 27.15
N VAL B 193 -1.27 -8.88 27.81
CA VAL B 193 -0.67 -7.54 27.84
C VAL B 193 0.40 -7.48 28.91
N ASP B 194 0.32 -8.38 29.91
CA ASP B 194 1.30 -8.48 31.00
C ASP B 194 2.57 -9.16 30.55
N LEU B 195 2.49 -10.13 29.63
CA LEU B 195 3.58 -10.85 29.00
C LEU B 195 4.39 -10.00 28.04
N LEU B 196 3.68 -9.04 27.39
CA LEU B 196 4.21 -8.00 26.53
C LEU B 196 5.12 -7.00 27.23
N LYS B 197 4.68 -6.63 28.45
CA LYS B 197 5.37 -5.73 29.36
C LYS B 197 6.46 -6.40 30.21
N THR B 198 6.38 -7.73 30.43
CA THR B 198 7.36 -8.50 31.22
C THR B 198 8.21 -9.34 30.26
N LYS B 199 7.81 -10.60 29.90
CA LYS B 199 8.49 -11.60 29.06
C LYS B 199 9.06 -11.22 27.71
N PHE B 200 8.26 -10.45 26.94
CA PHE B 200 8.60 -10.08 25.58
C PHE B 200 9.27 -8.75 25.34
N GLY B 201 9.42 -8.04 26.46
CA GLY B 201 10.20 -6.83 26.66
C GLY B 201 9.83 -5.61 25.88
N PHE B 202 8.52 -5.45 25.56
CA PHE B 202 8.00 -4.23 24.89
C PHE B 202 7.94 -3.15 25.99
N ASP B 203 8.20 -1.93 25.52
CA ASP B 203 8.27 -0.71 26.29
C ASP B 203 7.00 -0.19 26.93
N ASP B 204 5.86 -0.38 26.27
CA ASP B 204 4.49 -0.07 26.71
C ASP B 204 3.59 -1.05 25.95
N ALA B 205 2.29 -1.12 26.28
CA ALA B 205 1.27 -1.95 25.61
C ALA B 205 -0.11 -1.65 26.14
N PHE B 206 -1.12 -1.93 25.33
CA PHE B 206 -2.53 -1.76 25.71
C PHE B 206 -3.34 -2.94 25.26
N ASN B 207 -4.61 -2.81 25.64
CA ASN B 207 -5.65 -3.77 25.33
C ASN B 207 -6.64 -2.94 24.53
N TYR B 208 -6.69 -3.32 23.23
CA TYR B 208 -7.48 -2.62 22.19
C TYR B 208 -9.00 -2.63 22.39
N LYS B 209 -9.36 -3.72 23.10
CA LYS B 209 -10.70 -4.17 23.46
C LYS B 209 -11.29 -3.31 24.55
N GLU B 210 -10.40 -2.95 25.50
CA GLU B 210 -10.68 -2.09 26.63
C GLU B 210 -10.34 -0.64 26.29
N GLU B 211 -10.16 -0.34 24.98
CA GLU B 211 -9.91 0.99 24.45
C GLU B 211 -10.93 1.43 23.42
N SER B 212 -11.53 2.53 23.90
CA SER B 212 -12.67 3.27 23.34
C SER B 212 -12.37 3.97 22.00
N ASP B 213 -11.46 4.95 22.11
CA ASP B 213 -10.89 5.68 20.98
C ASP B 213 -9.56 5.03 20.70
N LEU B 214 -9.73 4.27 19.62
CA LEU B 214 -8.77 3.51 18.84
C LEU B 214 -7.46 4.24 18.58
N THR B 215 -7.56 5.48 18.05
CA THR B 215 -6.51 6.47 17.78
C THR B 215 -5.76 7.01 19.00
N ALA B 216 -6.53 7.35 20.05
CA ALA B 216 -6.02 8.00 21.26
C ALA B 216 -5.04 7.23 22.13
N ALA B 217 -5.08 5.89 21.95
CA ALA B 217 -4.24 4.88 22.56
C ALA B 217 -2.81 4.96 22.06
N LEU B 218 -2.71 5.01 20.72
CA LEU B 218 -1.51 5.12 19.89
C LEU B 218 -0.84 6.50 19.87
N LYS B 219 -1.62 7.52 20.28
CA LYS B 219 -1.18 8.89 20.44
C LYS B 219 -0.49 9.04 21.80
N ARG B 220 -1.00 8.36 22.86
CA ARG B 220 -0.43 8.34 24.22
C ARG B 220 0.92 7.63 24.28
N CYS B 221 0.94 6.43 23.70
CA CYS B 221 2.06 5.49 23.58
C CYS B 221 3.23 6.00 22.79
N PHE B 222 2.92 6.59 21.63
CA PHE B 222 3.85 7.24 20.72
C PHE B 222 3.57 8.75 20.61
N PRO B 223 4.22 9.66 21.40
CA PRO B 223 4.04 11.11 21.35
C PRO B 223 4.53 11.79 20.08
N ASN B 224 5.60 11.11 19.63
CA ASN B 224 6.38 11.40 18.46
C ASN B 224 5.91 10.68 17.20
N GLY B 225 4.92 9.77 17.31
CA GLY B 225 4.35 9.01 16.19
C GLY B 225 5.13 7.74 15.86
N ILE B 226 4.51 6.96 14.96
CA ILE B 226 5.02 5.66 14.53
C ILE B 226 5.79 5.68 13.21
N ASP B 227 6.92 4.95 13.12
CA ASP B 227 7.70 4.81 11.90
C ASP B 227 7.39 3.47 11.23
N ILE B 228 7.60 2.31 11.87
CA ILE B 228 7.26 0.96 11.37
C ILE B 228 5.89 0.53 11.96
N TYR B 229 5.10 -0.28 11.24
CA TYR B 229 3.92 -0.98 11.71
C TYR B 229 3.90 -2.34 11.06
N PHE B 230 3.88 -3.28 11.99
CA PHE B 230 3.65 -4.65 11.65
C PHE B 230 2.15 -4.92 11.89
N GLU B 231 1.53 -5.03 10.72
CA GLU B 231 0.10 -5.23 10.59
C GLU B 231 -0.31 -6.67 10.60
N ASN B 232 -0.97 -7.02 11.70
CA ASN B 232 -1.56 -8.32 11.81
C ASN B 232 -3.09 -8.16 11.94
N VAL B 233 -3.70 -6.96 12.26
CA VAL B 233 -5.16 -6.71 12.41
C VAL B 233 -6.05 -6.15 11.26
N GLY B 234 -5.90 -4.91 10.77
CA GLY B 234 -6.75 -4.25 9.77
C GLY B 234 -7.97 -3.55 10.33
N GLY B 235 -8.75 -2.99 9.38
CA GLY B 235 -9.99 -2.25 9.57
C GLY B 235 -9.86 -0.94 10.35
N LYS B 236 -10.44 -1.03 11.56
CA LYS B 236 -10.46 -0.06 12.67
C LYS B 236 -9.06 0.36 13.18
N MET B 237 -8.10 -0.58 13.08
CA MET B 237 -6.73 -0.39 13.51
C MET B 237 -5.70 0.27 12.65
N LEU B 238 -5.90 0.14 11.32
CA LEU B 238 -5.09 0.76 10.29
C LEU B 238 -5.49 2.21 10.16
N ASP B 239 -6.77 2.60 10.33
CA ASP B 239 -7.26 3.99 10.37
C ASP B 239 -6.73 4.89 11.49
N ALA B 240 -6.42 4.17 12.57
CA ALA B 240 -5.80 4.63 13.80
C ALA B 240 -4.31 4.87 13.62
N VAL B 241 -3.66 4.04 12.78
CA VAL B 241 -2.23 4.12 12.47
C VAL B 241 -1.94 5.21 11.46
N LEU B 242 -2.79 5.38 10.43
CA LEU B 242 -2.54 6.36 9.39
C LEU B 242 -2.63 7.81 9.83
N VAL B 243 -3.35 8.17 10.92
CA VAL B 243 -3.28 9.52 11.51
C VAL B 243 -2.15 9.74 12.52
N ASN B 244 -1.63 8.60 13.01
CA ASN B 244 -0.51 8.48 13.94
C ASN B 244 0.85 8.21 13.33
N MET B 245 0.95 7.85 12.05
CA MET B 245 2.20 7.60 11.32
C MET B 245 3.00 8.84 10.92
N ASN B 246 4.32 8.67 11.05
CA ASN B 246 5.35 9.63 10.63
C ASN B 246 5.60 9.45 9.17
N MET B 247 6.16 10.57 8.65
CA MET B 247 6.69 10.81 7.30
C MET B 247 7.74 9.77 6.97
N HIS B 248 7.61 9.24 5.74
CA HIS B 248 8.33 8.12 5.09
C HIS B 248 8.34 6.83 5.92
N GLY B 249 7.19 6.67 6.63
CA GLY B 249 6.86 5.57 7.54
C GLY B 249 6.45 4.35 6.79
N ARG B 250 6.77 3.12 7.21
CA ARG B 250 6.43 1.88 6.48
C ARG B 250 5.44 1.05 7.23
N ILE B 251 4.66 0.22 6.50
CA ILE B 251 3.66 -0.73 6.98
C ILE B 251 3.92 -2.02 6.22
N ALA B 252 4.18 -3.08 7.01
CA ALA B 252 4.18 -4.46 6.53
C ALA B 252 2.88 -5.18 6.88
N VAL B 253 2.16 -5.59 5.82
CA VAL B 253 0.85 -6.24 5.86
C VAL B 253 1.11 -7.74 5.72
N CYS B 254 1.14 -8.24 6.96
CA CYS B 254 1.30 -9.65 7.25
C CYS B 254 -0.02 -10.37 7.16
N GLY B 255 -0.99 -9.86 7.88
CA GLY B 255 -2.31 -10.38 7.94
C GLY B 255 -3.20 -9.28 8.33
N MET B 256 -4.49 -9.66 8.29
CA MET B 256 -5.63 -8.83 8.61
C MET B 256 -6.73 -9.69 9.28
N ILE B 257 -6.52 -10.35 10.47
CA ILE B 257 -7.44 -11.32 11.17
C ILE B 257 -8.84 -10.92 11.56
N SER B 258 -9.08 -9.61 11.59
CA SER B 258 -10.43 -9.04 11.80
C SER B 258 -11.41 -9.22 10.63
N GLN B 259 -10.83 -9.38 9.43
CA GLN B 259 -11.53 -9.46 8.14
C GLN B 259 -11.92 -10.80 7.59
N TYR B 260 -11.15 -11.79 8.02
CA TYR B 260 -11.21 -13.17 7.55
C TYR B 260 -12.50 -13.95 7.72
N ASN B 261 -13.09 -13.54 8.85
CA ASN B 261 -14.34 -13.97 9.48
C ASN B 261 -15.57 -13.18 9.07
N LEU B 262 -15.33 -12.14 8.27
CA LEU B 262 -16.33 -11.27 7.69
C LEU B 262 -16.42 -11.62 6.21
N GLU B 263 -17.72 -11.51 5.86
CA GLU B 263 -18.25 -11.64 4.51
C GLU B 263 -18.40 -10.27 3.90
N ASN B 264 -18.76 -9.35 4.80
CA ASN B 264 -18.83 -7.93 4.56
C ASN B 264 -17.72 -7.28 5.40
N GLN B 265 -16.66 -7.07 4.59
CA GLN B 265 -15.33 -6.52 4.84
C GLN B 265 -15.38 -5.06 5.20
N GLU B 266 -14.76 -4.74 6.34
CA GLU B 266 -14.68 -3.42 6.96
C GLU B 266 -13.80 -2.42 6.20
N GLY B 267 -14.36 -1.19 6.25
CA GLY B 267 -13.86 0.02 5.62
C GLY B 267 -12.73 0.74 6.31
N VAL B 268 -11.66 0.89 5.50
CA VAL B 268 -10.43 1.61 5.84
C VAL B 268 -10.50 2.94 5.03
N HIS B 269 -10.75 3.96 5.85
CA HIS B 269 -11.00 5.32 5.40
C HIS B 269 -9.77 6.18 5.14
N ASN B 270 -8.86 6.25 6.12
CA ASN B 270 -7.68 7.12 6.19
C ASN B 270 -6.44 6.88 5.31
N LEU B 271 -6.63 6.27 4.11
CA LEU B 271 -5.61 5.94 3.08
C LEU B 271 -5.10 7.09 2.22
N SER B 272 -5.69 8.23 2.50
CA SER B 272 -5.52 9.56 1.94
C SER B 272 -4.19 10.12 2.36
N ASN B 273 -3.90 9.73 3.61
CA ASN B 273 -2.78 10.11 4.45
C ASN B 273 -1.44 9.61 3.98
N ILE B 274 -1.38 8.67 3.02
CA ILE B 274 -0.11 8.13 2.57
C ILE B 274 0.56 8.95 1.49
N ILE B 275 -0.10 10.03 1.02
CA ILE B 275 0.49 10.97 0.04
C ILE B 275 1.24 11.99 0.88
N TYR B 276 0.44 12.54 1.81
CA TYR B 276 0.69 13.56 2.81
C TYR B 276 1.91 13.19 3.65
N LYS B 277 1.98 11.87 4.01
CA LYS B 277 3.04 11.21 4.81
C LYS B 277 4.07 10.33 4.07
N ARG B 278 4.13 10.22 2.72
CA ARG B 278 5.04 9.39 1.89
C ARG B 278 5.34 7.92 2.30
N ASN B 279 4.26 7.33 2.86
CA ASN B 279 4.15 5.98 3.40
C ASN B 279 4.12 4.81 2.43
N ARG B 280 4.51 3.63 2.92
CA ARG B 280 4.65 2.40 2.14
C ARG B 280 3.90 1.24 2.79
N ILE B 281 2.71 0.90 2.24
CA ILE B 281 1.90 -0.26 2.58
C ILE B 281 2.49 -1.35 1.68
N GLN B 282 3.08 -2.36 2.35
CA GLN B 282 3.69 -3.49 1.69
C GLN B 282 3.20 -4.80 2.25
N GLY B 283 2.60 -5.63 1.37
CA GLY B 283 2.15 -6.98 1.70
C GLY B 283 3.12 -8.02 1.28
N PHE B 284 3.11 -9.14 2.03
CA PHE B 284 3.95 -10.30 1.75
C PHE B 284 3.33 -11.62 2.23
N VAL B 285 3.81 -12.71 1.64
CA VAL B 285 3.60 -14.08 2.09
C VAL B 285 5.03 -14.54 2.37
N VAL B 286 5.20 -15.47 3.32
CA VAL B 286 6.47 -16.06 3.78
C VAL B 286 7.21 -16.85 2.71
N SER B 287 6.41 -17.58 1.92
CA SER B 287 6.77 -18.46 0.83
C SER B 287 7.77 -17.99 -0.23
N ASP B 288 7.71 -16.67 -0.47
CA ASP B 288 8.63 -15.90 -1.33
C ASP B 288 10.07 -15.83 -0.76
N PHE B 289 10.24 -16.05 0.59
CA PHE B 289 11.47 -15.90 1.35
C PHE B 289 12.12 -17.14 1.98
N TYR B 290 11.45 -18.29 1.76
CA TYR B 290 11.87 -19.59 2.28
C TYR B 290 13.17 -20.06 1.71
N ASP B 291 13.92 -19.47 0.98
CA ASP B 291 15.25 -19.59 0.37
C ASP B 291 16.33 -19.01 1.29
N LYS B 292 15.89 -18.10 2.19
CA LYS B 292 16.65 -17.44 3.26
C LYS B 292 16.24 -18.06 4.61
N TYR B 293 15.70 -19.31 4.69
CA TYR B 293 15.39 -20.05 5.94
C TYR B 293 16.64 -20.69 6.53
N SER B 294 17.64 -21.01 5.69
CA SER B 294 18.98 -21.49 6.04
C SER B 294 19.67 -20.38 6.82
N LYS B 295 19.54 -19.15 6.27
CA LYS B 295 20.04 -17.87 6.84
C LYS B 295 19.27 -17.31 8.02
N PHE B 296 18.05 -17.81 8.32
CA PHE B 296 17.26 -17.49 9.51
C PHE B 296 17.72 -18.24 10.76
N LEU B 297 17.75 -19.58 10.66
CA LEU B 297 18.13 -20.52 11.69
C LEU B 297 19.51 -20.30 12.32
N GLU B 298 20.48 -19.91 11.46
CA GLU B 298 21.86 -19.52 11.83
C GLU B 298 22.02 -18.33 12.82
N PHE B 299 20.92 -17.56 12.87
CA PHE B 299 20.71 -16.35 13.65
C PHE B 299 19.90 -16.65 14.91
N VAL B 300 18.68 -17.23 14.74
CA VAL B 300 17.71 -17.46 15.82
C VAL B 300 18.17 -18.50 16.81
N LEU B 301 18.77 -19.62 16.39
CA LEU B 301 19.25 -20.63 17.29
C LEU B 301 20.45 -20.06 18.02
N PRO B 302 21.58 -19.37 17.65
CA PRO B 302 22.35 -18.48 18.53
C PRO B 302 21.69 -17.52 19.53
N HIS B 303 20.52 -16.97 19.22
CA HIS B 303 19.80 -16.03 20.08
C HIS B 303 18.80 -16.58 21.12
N ILE B 304 18.08 -17.72 20.85
CA ILE B 304 17.15 -18.40 21.79
C ILE B 304 18.01 -19.02 22.91
N ARG B 305 18.96 -19.93 22.52
CA ARG B 305 19.95 -20.66 23.32
C ARG B 305 20.82 -19.86 24.30
N GLU B 306 20.92 -18.53 24.06
CA GLU B 306 21.59 -17.50 24.86
C GLU B 306 20.71 -16.54 25.66
N GLY B 307 19.39 -16.67 25.55
CA GLY B 307 18.38 -15.91 26.29
C GLY B 307 18.02 -14.51 25.78
N LYS B 308 18.14 -14.28 24.46
CA LYS B 308 17.77 -13.02 23.80
C LYS B 308 16.40 -13.07 23.11
N ILE B 309 15.86 -14.29 22.78
CA ILE B 309 14.46 -14.45 22.30
C ILE B 309 13.81 -15.46 23.24
N THR B 310 12.64 -14.94 23.64
CA THR B 310 11.61 -15.59 24.45
C THR B 310 10.40 -15.93 23.58
N TYR B 311 9.71 -17.04 23.94
CA TYR B 311 8.53 -17.60 23.25
C TYR B 311 7.66 -18.49 24.13
N VAL B 312 6.35 -18.11 24.20
CA VAL B 312 5.32 -18.94 24.84
C VAL B 312 4.51 -19.70 23.78
N GLU B 313 4.00 -20.90 24.14
CA GLU B 313 3.13 -21.74 23.29
C GLU B 313 1.81 -22.12 23.99
N ASP B 314 0.80 -22.64 23.25
CA ASP B 314 -0.52 -23.10 23.74
C ASP B 314 -0.81 -24.47 23.14
N VAL B 315 -0.34 -25.42 23.94
CA VAL B 315 -0.38 -26.85 23.68
C VAL B 315 -1.71 -27.48 24.16
N ALA B 316 -2.33 -28.21 23.21
CA ALA B 316 -3.56 -28.99 23.42
C ALA B 316 -3.29 -30.40 22.97
N ASP B 317 -3.80 -31.35 23.77
CA ASP B 317 -3.68 -32.79 23.52
C ASP B 317 -4.62 -33.46 22.49
N GLY B 318 -3.96 -33.95 21.44
CA GLY B 318 -4.52 -34.74 20.33
C GLY B 318 -5.33 -33.99 19.30
N LEU B 319 -5.57 -34.71 18.19
CA LEU B 319 -6.45 -34.32 17.09
C LEU B 319 -7.89 -33.93 17.41
N GLU B 320 -8.35 -34.50 18.52
CA GLU B 320 -9.65 -34.29 19.15
C GLU B 320 -9.97 -32.86 19.62
N LYS B 321 -8.86 -32.18 19.95
CA LYS B 321 -8.83 -30.81 20.43
C LYS B 321 -8.41 -29.79 19.37
N ALA B 322 -8.20 -30.25 18.12
CA ALA B 322 -7.72 -29.41 17.03
C ALA B 322 -8.79 -28.58 16.33
N PRO B 323 -10.06 -28.94 16.03
CA PRO B 323 -11.22 -28.03 15.92
C PRO B 323 -11.28 -26.87 16.89
N GLU B 324 -11.34 -27.14 18.21
CA GLU B 324 -11.28 -26.24 19.36
C GLU B 324 -10.13 -25.23 19.36
N ALA B 325 -9.00 -25.76 18.82
CA ALA B 325 -7.74 -25.03 18.76
C ALA B 325 -7.60 -24.17 17.51
N LEU B 326 -8.38 -24.39 16.43
CA LEU B 326 -8.38 -23.49 15.27
C LEU B 326 -9.50 -22.49 15.42
N VAL B 327 -10.59 -22.78 16.13
CA VAL B 327 -11.78 -21.92 16.30
C VAL B 327 -11.47 -20.70 17.15
N GLY B 328 -10.93 -20.95 18.35
CA GLY B 328 -10.54 -19.95 19.35
C GLY B 328 -9.06 -19.68 19.24
N LEU B 329 -8.96 -18.81 18.24
CA LEU B 329 -7.78 -18.20 17.65
C LEU B 329 -8.33 -16.95 16.96
N PHE B 330 -9.57 -17.10 16.43
CA PHE B 330 -10.39 -16.09 15.79
C PHE B 330 -11.21 -15.23 16.76
N HIS B 331 -11.19 -15.75 18.01
CA HIS B 331 -11.78 -15.22 19.23
C HIS B 331 -10.71 -14.97 20.27
N GLY B 332 -9.51 -15.51 19.96
CA GLY B 332 -8.27 -15.32 20.69
C GLY B 332 -8.05 -16.07 21.98
N LYS B 333 -8.45 -17.36 22.04
CA LYS B 333 -8.32 -18.20 23.24
C LYS B 333 -6.93 -18.78 23.46
N ASN B 334 -6.05 -18.56 22.46
CA ASN B 334 -4.61 -18.90 22.47
C ASN B 334 -3.78 -17.82 23.15
N VAL B 335 -2.87 -18.21 24.05
CA VAL B 335 -1.89 -17.29 24.68
C VAL B 335 -0.56 -17.73 24.02
N GLY B 336 -0.12 -16.96 23.00
CA GLY B 336 1.01 -17.32 22.12
C GLY B 336 0.60 -18.31 21.01
N LYS B 337 1.52 -19.13 20.47
CA LYS B 337 1.19 -20.04 19.37
C LYS B 337 0.54 -21.30 19.80
N GLN B 338 -0.54 -21.49 19.03
CA GLN B 338 -1.35 -22.67 19.16
C GLN B 338 -0.86 -23.85 18.33
N VAL B 339 -0.32 -24.73 19.19
CA VAL B 339 0.18 -26.05 18.85
C VAL B 339 -0.86 -27.08 19.34
N VAL B 340 -1.01 -28.14 18.54
CA VAL B 340 -1.81 -29.29 18.91
C VAL B 340 -0.96 -30.52 18.59
N VAL B 341 -0.72 -31.24 19.70
CA VAL B 341 0.16 -32.39 19.80
C VAL B 341 -0.63 -33.68 19.58
N VAL B 342 -0.41 -34.29 18.41
CA VAL B 342 -1.05 -35.52 17.91
C VAL B 342 -0.49 -36.75 18.67
N ALA B 343 0.84 -36.68 18.82
CA ALA B 343 1.73 -37.62 19.49
C ALA B 343 2.94 -36.84 20.02
N ARG B 344 3.62 -37.28 21.09
CA ARG B 344 4.88 -36.67 21.54
C ARG B 344 6.05 -37.63 21.20
N GLU B 345 7.23 -37.58 21.84
CA GLU B 345 8.38 -38.47 21.57
C GLU B 345 8.79 -39.52 22.61
#